data_8TQ0
#
_entry.id   8TQ0
#
_cell.length_a   74.894
_cell.length_b   92.156
_cell.length_c   96.666
_cell.angle_alpha   90.000
_cell.angle_beta   90.000
_cell.angle_gamma   90.000
#
_symmetry.space_group_name_H-M   'P 21 21 21'
#
loop_
_entity.id
_entity.type
_entity.pdbx_description
1 polymer 'Hdac6 protein'
2 non-polymer 'DIHYDROLIPOIC ACID'
3 non-polymer 'ZINC ION'
4 non-polymer 'POTASSIUM ION'
5 water water
#
_entity_poly.entity_id   1
_entity_poly.type   'polypeptide(L)'
_entity_poly.pdbx_seq_one_letter_code
;SNAGGSSPITGLVYDQRMMLHHNMWDSHHPELPQRISRIFSRHEELRLLSRCHRIPARLATEEELALCHSSKHISIIKSS
EHMKPRDLNRLGDEYNSIFISNESYTCALLAAGSCFNSAQAILTGQVRNAVAIVRPPGHHAEKDTACGFCFFNTAALTAR
YAQSITRESLRVLIVDWDVHHGNGTQHIFEEDDSVLYISLHRYEDGAFFPNSEDANYDKVGLGKGRGYNVNIPWNGGKMG
DPEYMAAFHHLVMPIAREFAPELVLVSAGFDAARGDPLGGFQVTPEGYAHLTHQLMSLAAGRVLIILEGGYNLTSISESM
SMCTSMLLGDSPPSLDHLTPLKTSATVSINNVLRAHAPFWSSLR
;
_entity_poly.pdbx_strand_id   A,B
#
# COMPACT_ATOMS: atom_id res chain seq x y z
N PRO A 8 -6.85 16.85 24.11
CA PRO A 8 -6.04 15.75 23.57
C PRO A 8 -6.27 15.56 22.08
N ILE A 9 -5.87 16.54 21.28
CA ILE A 9 -6.16 16.57 19.85
C ILE A 9 -4.85 16.41 19.08
N THR A 10 -4.87 15.56 18.06
CA THR A 10 -3.72 15.33 17.20
C THR A 10 -3.97 15.96 15.84
N GLY A 11 -3.00 16.75 15.37
CA GLY A 11 -3.13 17.39 14.08
C GLY A 11 -2.50 16.58 12.95
N LEU A 12 -2.97 16.84 11.74
CA LEU A 12 -2.44 16.18 10.56
C LEU A 12 -2.55 17.15 9.40
N VAL A 13 -1.46 17.30 8.65
CA VAL A 13 -1.46 18.10 7.43
C VAL A 13 -1.06 17.20 6.27
N TYR A 14 -1.78 17.34 5.16
CA TYR A 14 -1.49 16.63 3.92
C TYR A 14 -2.14 17.43 2.80
N ASP A 15 -1.44 17.50 1.67
CA ASP A 15 -1.93 18.26 0.53
C ASP A 15 -1.50 17.55 -0.76
N GLN A 16 -2.48 17.32 -1.64
CA GLN A 16 -2.19 16.66 -2.92
C GLN A 16 -1.14 17.39 -3.72
N ARG A 17 -1.10 18.72 -3.63
CA ARG A 17 -0.24 19.52 -4.49
C ARG A 17 1.24 19.20 -4.31
N MET A 18 1.64 18.62 -3.17
CA MET A 18 3.03 18.24 -2.97
C MET A 18 3.44 17.02 -3.81
N MET A 19 2.48 16.35 -4.46
CA MET A 19 2.79 15.29 -5.40
C MET A 19 3.33 15.80 -6.72
N LEU A 20 3.10 17.08 -7.05
CA LEU A 20 3.48 17.60 -8.36
C LEU A 20 4.99 17.59 -8.58
N HIS A 21 5.79 17.55 -7.51
CA HIS A 21 7.23 17.46 -7.65
C HIS A 21 7.59 16.05 -8.14
N HIS A 22 8.14 15.95 -9.34
CA HIS A 22 8.37 14.65 -9.95
C HIS A 22 9.64 14.66 -10.78
N ASN A 23 10.12 13.46 -11.10
CA ASN A 23 11.29 13.27 -11.94
C ASN A 23 10.79 12.96 -13.36
N MET A 24 10.96 13.91 -14.27
CA MET A 24 10.45 13.72 -15.62
C MET A 24 11.29 12.75 -16.44
N TRP A 25 12.51 12.46 -16.00
CA TRP A 25 13.40 11.54 -16.72
C TRP A 25 13.41 10.15 -16.14
N ASP A 26 13.18 10.01 -14.83
CA ASP A 26 13.17 8.72 -14.15
C ASP A 26 11.87 8.63 -13.34
N SER A 27 10.81 8.12 -13.98
CA SER A 27 9.53 8.04 -13.30
C SER A 27 9.54 7.04 -12.14
N HIS A 28 10.48 6.11 -12.13
CA HIS A 28 10.61 5.13 -11.05
C HIS A 28 11.65 5.55 -10.02
N HIS A 29 12.03 6.82 -10.01
CA HIS A 29 12.94 7.32 -8.98
C HIS A 29 12.31 7.10 -7.60
N PRO A 30 13.09 6.65 -6.61
CA PRO A 30 12.49 6.24 -5.33
C PRO A 30 11.78 7.34 -4.57
N GLU A 31 12.12 8.62 -4.78
CA GLU A 31 11.41 9.71 -4.09
C GLU A 31 10.13 10.02 -4.85
N LEU A 32 9.22 9.03 -4.82
CA LEU A 32 8.01 9.01 -5.62
C LEU A 32 6.97 10.00 -5.09
N PRO A 33 6.20 10.61 -5.98
CA PRO A 33 5.06 11.42 -5.52
C PRO A 33 4.07 10.64 -4.68
N GLN A 34 3.88 9.35 -4.96
CA GLN A 34 2.93 8.54 -4.21
C GLN A 34 3.41 8.18 -2.81
N ARG A 35 4.60 8.65 -2.40
CA ARG A 35 5.04 8.42 -1.03
C ARG A 35 4.05 9.01 -0.02
N ILE A 36 3.60 10.24 -0.26
CA ILE A 36 2.73 10.90 0.72
C ILE A 36 1.29 10.38 0.61
N SER A 37 0.81 10.10 -0.61
CA SER A 37 -0.55 9.61 -0.75
C SER A 37 -0.70 8.21 -0.18
N ARG A 38 0.34 7.38 -0.28
CA ARG A 38 0.27 6.04 0.30
C ARG A 38 0.22 6.11 1.82
N ILE A 39 1.00 7.01 2.42
CA ILE A 39 0.90 7.21 3.86
C ILE A 39 -0.47 7.76 4.22
N PHE A 40 -0.96 8.72 3.44
CA PHE A 40 -2.28 9.29 3.69
C PHE A 40 -3.38 8.25 3.54
N SER A 41 -3.27 7.41 2.50
CA SER A 41 -4.28 6.37 2.29
C SER A 41 -4.27 5.35 3.43
N ARG A 42 -3.08 5.02 3.93
CA ARG A 42 -2.99 4.07 5.04
C ARG A 42 -3.63 4.63 6.30
N HIS A 43 -3.56 5.95 6.50
CA HIS A 43 -4.25 6.56 7.63
C HIS A 43 -5.77 6.43 7.49
N GLU A 44 -6.27 6.50 6.27
CA GLU A 44 -7.71 6.41 6.05
C GLU A 44 -8.22 5.00 6.31
N GLU A 45 -7.58 3.98 5.72
CA GLU A 45 -8.05 2.61 5.89
C GLU A 45 -7.85 2.10 7.31
N LEU A 46 -6.94 2.69 8.08
CA LEU A 46 -6.80 2.35 9.49
C LEU A 46 -7.70 3.18 10.39
N ARG A 47 -8.53 4.05 9.80
CA ARG A 47 -9.46 4.90 10.55
C ARG A 47 -8.73 5.83 11.52
N LEU A 48 -7.50 6.21 11.18
CA LEU A 48 -6.77 7.18 11.98
C LEU A 48 -7.04 8.61 11.54
N LEU A 49 -7.39 8.80 10.26
CA LEU A 49 -7.59 10.15 9.73
C LEU A 49 -8.76 10.85 10.41
N SER A 50 -9.88 10.14 10.60
CA SER A 50 -11.06 10.77 11.20
C SER A 50 -10.84 11.16 12.65
N ARG A 51 -9.85 10.58 13.32
CA ARG A 51 -9.55 10.94 14.70
C ARG A 51 -8.57 12.10 14.82
N CYS A 52 -7.98 12.55 13.72
CA CYS A 52 -7.06 13.67 13.72
C CYS A 52 -7.81 14.94 13.31
N HIS A 53 -7.28 16.08 13.73
CA HIS A 53 -7.76 17.38 13.27
C HIS A 53 -6.94 17.81 12.06
N ARG A 54 -7.62 18.03 10.94
CA ARG A 54 -6.93 18.38 9.70
C ARG A 54 -6.37 19.80 9.78
N ILE A 55 -5.07 19.92 9.58
CA ILE A 55 -4.39 21.23 9.59
C ILE A 55 -4.12 21.63 8.14
N PRO A 56 -4.49 22.86 7.74
CA PRO A 56 -4.30 23.26 6.34
C PRO A 56 -2.84 23.49 5.99
N ALA A 57 -2.50 23.17 4.74
CA ALA A 57 -1.18 23.44 4.19
C ALA A 57 -1.13 24.86 3.62
N ARG A 58 0.08 25.40 3.53
CA ARG A 58 0.28 26.75 3.00
C ARG A 58 1.71 26.87 2.51
N LEU A 59 1.94 27.88 1.67
CA LEU A 59 3.27 28.14 1.17
C LEU A 59 4.09 28.92 2.18
N ALA A 60 5.33 28.51 2.36
CA ALA A 60 6.26 29.30 3.14
C ALA A 60 6.64 30.55 2.36
N THR A 61 6.93 31.63 3.09
CA THR A 61 7.38 32.85 2.46
C THR A 61 8.89 32.83 2.26
N GLU A 62 9.36 33.64 1.31
CA GLU A 62 10.80 33.76 1.10
C GLU A 62 11.49 34.28 2.34
N GLU A 63 10.84 35.22 3.05
CA GLU A 63 11.41 35.72 4.30
C GLU A 63 11.54 34.60 5.33
N GLU A 64 10.58 33.67 5.35
CA GLU A 64 10.69 32.52 6.24
C GLU A 64 11.82 31.60 5.82
N LEU A 65 12.06 31.45 4.52
CA LEU A 65 13.18 30.65 4.05
C LEU A 65 14.51 31.27 4.47
N ALA A 66 14.58 32.61 4.53
CA ALA A 66 15.80 33.29 4.91
C ALA A 66 16.20 33.01 6.36
N LEU A 67 15.30 32.44 7.16
CA LEU A 67 15.67 32.05 8.52
C LEU A 67 16.82 31.05 8.55
N CYS A 68 16.93 30.22 7.52
CA CYS A 68 17.97 29.20 7.47
C CYS A 68 18.78 29.17 6.18
N HIS A 69 18.28 29.75 5.09
CA HIS A 69 18.93 29.63 3.80
C HIS A 69 19.36 30.98 3.27
N SER A 70 20.46 30.98 2.52
CA SER A 70 20.96 32.21 1.92
C SER A 70 20.02 32.69 0.82
N SER A 71 20.10 33.99 0.53
CA SER A 71 19.24 34.57 -0.49
C SER A 71 19.55 33.99 -1.87
N LYS A 72 20.83 33.69 -2.14
CA LYS A 72 21.21 33.13 -3.43
C LYS A 72 20.56 31.77 -3.64
N HIS A 73 20.62 30.90 -2.63
CA HIS A 73 20.04 29.57 -2.77
C HIS A 73 18.53 29.64 -2.99
N ILE A 74 17.84 30.53 -2.27
CA ILE A 74 16.41 30.71 -2.49
C ILE A 74 16.14 31.13 -3.92
N SER A 75 16.97 32.01 -4.46
CA SER A 75 16.72 32.55 -5.80
C SER A 75 16.92 31.51 -6.89
N ILE A 76 17.90 30.60 -6.72
CA ILE A 76 18.14 29.59 -7.75
C ILE A 76 16.95 28.65 -7.84
N ILE A 77 16.44 28.21 -6.68
CA ILE A 77 15.27 27.34 -6.68
C ILE A 77 14.01 28.11 -7.08
N LYS A 78 13.89 29.40 -6.73
CA LYS A 78 12.72 30.17 -7.18
C LYS A 78 12.77 30.30 -8.71
N SER A 79 13.97 30.43 -9.28
CA SER A 79 14.07 30.58 -10.73
C SER A 79 13.81 29.28 -11.47
N SER A 80 13.91 28.14 -10.78
CA SER A 80 13.69 26.86 -11.43
C SER A 80 12.24 26.68 -11.87
N GLU A 81 11.30 27.44 -11.31
CA GLU A 81 9.90 27.30 -11.66
C GLU A 81 9.60 27.64 -13.11
N HIS A 82 10.46 28.44 -13.76
CA HIS A 82 10.22 28.86 -15.13
C HIS A 82 11.23 28.27 -16.13
N MET A 83 12.02 27.28 -15.72
CA MET A 83 13.03 26.74 -16.61
C MET A 83 12.43 25.68 -17.54
N LYS A 84 13.09 25.52 -18.69
CA LYS A 84 12.75 24.48 -19.65
C LYS A 84 13.37 23.14 -19.21
N PRO A 85 12.88 22.03 -19.76
CA PRO A 85 13.40 20.71 -19.34
C PRO A 85 14.92 20.58 -19.43
N ARG A 86 15.55 21.13 -20.47
CA ARG A 86 17.00 21.00 -20.58
C ARG A 86 17.71 21.81 -19.51
N ASP A 87 17.23 23.02 -19.22
CA ASP A 87 17.80 23.81 -18.14
C ASP A 87 17.62 23.11 -16.79
N LEU A 88 16.49 22.41 -16.61
CA LEU A 88 16.21 21.76 -15.35
C LEU A 88 17.15 20.58 -15.11
N ASN A 89 17.45 19.82 -16.15
CA ASN A 89 18.37 18.68 -15.99
C ASN A 89 19.77 19.17 -15.64
N ARG A 90 20.26 20.21 -16.31
CA ARG A 90 21.59 20.72 -16.03
C ARG A 90 21.67 21.31 -14.62
N LEU A 91 20.62 22.00 -14.18
CA LEU A 91 20.63 22.57 -12.83
C LEU A 91 20.54 21.48 -11.78
N GLY A 92 19.67 20.49 -11.99
CA GLY A 92 19.58 19.39 -11.05
C GLY A 92 20.87 18.62 -10.91
N ASP A 93 21.60 18.47 -12.02
CA ASP A 93 22.86 17.73 -11.99
C ASP A 93 23.98 18.50 -11.31
N GLU A 94 23.79 19.80 -11.05
CA GLU A 94 24.79 20.58 -10.32
C GLU A 94 24.79 20.28 -8.82
N TYR A 95 23.79 19.55 -8.32
CA TYR A 95 23.69 19.21 -6.90
C TYR A 95 23.95 17.73 -6.70
N ASN A 96 24.10 17.34 -5.43
CA ASN A 96 24.32 15.96 -5.05
C ASN A 96 22.95 15.30 -4.87
N SER A 97 22.54 14.49 -5.85
CA SER A 97 21.33 13.67 -5.80
C SER A 97 20.08 14.55 -5.68
N ILE A 98 19.81 15.29 -6.76
CA ILE A 98 18.68 16.21 -6.82
C ILE A 98 18.10 16.19 -8.22
N PHE A 99 16.78 16.01 -8.32
CA PHE A 99 16.05 16.24 -9.56
C PHE A 99 15.04 17.36 -9.33
N ILE A 100 14.85 18.19 -10.36
CA ILE A 100 13.99 19.36 -10.27
C ILE A 100 12.99 19.34 -11.41
N SER A 101 11.75 19.72 -11.12
CA SER A 101 10.72 19.96 -12.11
C SER A 101 10.18 21.37 -11.89
N ASN A 102 9.23 21.78 -12.75
CA ASN A 102 8.66 23.12 -12.64
C ASN A 102 7.88 23.32 -11.35
N GLU A 103 7.48 22.25 -10.69
CA GLU A 103 6.67 22.32 -9.47
C GLU A 103 7.49 22.08 -8.21
N SER A 104 8.80 21.87 -8.32
CA SER A 104 9.61 21.53 -7.16
C SER A 104 9.60 22.66 -6.14
N TYR A 105 9.76 23.90 -6.60
CA TYR A 105 9.85 25.04 -5.69
C TYR A 105 8.56 25.20 -4.90
N THR A 106 7.41 25.12 -5.58
CA THR A 106 6.13 25.26 -4.89
C THR A 106 5.90 24.13 -3.89
N CYS A 107 6.28 22.90 -4.26
CA CYS A 107 6.11 21.77 -3.34
C CYS A 107 6.97 21.92 -2.11
N ALA A 108 8.22 22.38 -2.28
CA ALA A 108 9.07 22.63 -1.12
C ALA A 108 8.51 23.75 -0.25
N LEU A 109 7.94 24.79 -0.88
CA LEU A 109 7.28 25.83 -0.11
C LEU A 109 6.10 25.27 0.68
N LEU A 110 5.32 24.39 0.05
CA LEU A 110 4.18 23.78 0.73
C LEU A 110 4.64 22.90 1.88
N ALA A 111 5.72 22.14 1.69
CA ALA A 111 6.21 21.27 2.74
C ALA A 111 6.62 22.06 3.98
N ALA A 112 7.34 23.17 3.77
CA ALA A 112 7.74 24.02 4.89
C ALA A 112 6.52 24.68 5.53
N GLY A 113 5.70 25.34 4.72
CA GLY A 113 4.53 26.03 5.27
C GLY A 113 3.55 25.11 5.96
N SER A 114 3.47 23.85 5.50
CA SER A 114 2.63 22.88 6.19
C SER A 114 3.13 22.62 7.61
N CYS A 115 4.45 22.65 7.80
CA CYS A 115 5.02 22.42 9.11
C CYS A 115 4.96 23.67 9.99
N PHE A 116 4.98 24.85 9.38
CA PHE A 116 4.82 26.07 10.16
C PHE A 116 3.44 26.13 10.79
N ASN A 117 2.41 25.78 10.02
CA ASN A 117 1.05 25.77 10.56
C ASN A 117 0.90 24.73 11.66
N SER A 118 1.56 23.58 11.52
CA SER A 118 1.47 22.52 12.52
C SER A 118 2.15 22.95 13.82
N ALA A 119 3.35 23.51 13.73
CA ALA A 119 4.05 23.99 14.91
C ALA A 119 3.26 25.11 15.59
N GLN A 120 2.66 25.99 14.79
CA GLN A 120 1.83 27.06 15.37
C GLN A 120 0.61 26.49 16.07
N ALA A 121 0.00 25.46 15.49
CA ALA A 121 -1.13 24.81 16.15
C ALA A 121 -0.72 24.15 17.45
N ILE A 122 0.48 23.58 17.48
CA ILE A 122 0.98 22.97 18.72
C ILE A 122 1.30 24.04 19.75
N LEU A 123 2.02 25.09 19.33
CA LEU A 123 2.51 26.08 20.28
C LEU A 123 1.41 26.99 20.82
N THR A 124 0.29 27.11 20.10
CA THR A 124 -0.86 27.86 20.61
C THR A 124 -1.88 26.96 21.28
N GLY A 125 -1.61 25.66 21.39
CA GLY A 125 -2.49 24.76 22.11
C GLY A 125 -3.73 24.32 21.36
N GLN A 126 -3.81 24.56 20.05
CA GLN A 126 -4.94 24.06 19.28
C GLN A 126 -4.90 22.54 19.20
N VAL A 127 -3.70 21.96 19.08
CA VAL A 127 -3.48 20.53 19.15
C VAL A 127 -2.35 20.26 20.12
N ARG A 128 -2.33 19.03 20.65
CA ARG A 128 -1.23 18.64 21.52
C ARG A 128 0.00 18.23 20.71
N ASN A 129 -0.21 17.44 19.66
CA ASN A 129 0.88 17.00 18.78
C ASN A 129 0.35 16.97 17.36
N ALA A 130 1.23 16.68 16.41
CA ALA A 130 0.84 16.73 15.01
C ALA A 130 1.80 15.91 14.16
N VAL A 131 1.31 15.45 13.03
CA VAL A 131 2.09 14.71 12.04
C VAL A 131 2.00 15.45 10.71
N ALA A 132 3.11 15.49 9.96
CA ALA A 132 3.21 16.22 8.71
C ALA A 132 3.66 15.26 7.61
N ILE A 133 2.74 14.93 6.70
CA ILE A 133 3.02 14.04 5.57
C ILE A 133 3.35 14.95 4.40
N VAL A 134 4.64 15.26 4.23
CA VAL A 134 5.08 16.26 3.28
C VAL A 134 6.23 15.72 2.44
N ARG A 135 6.43 16.34 1.29
CA ARG A 135 7.57 16.08 0.42
C ARG A 135 7.77 17.30 -0.46
N PRO A 136 8.99 17.51 -0.99
CA PRO A 136 10.23 16.72 -0.81
C PRO A 136 10.78 16.83 0.61
N PRO A 137 11.69 15.92 1.02
CA PRO A 137 12.24 16.00 2.38
C PRO A 137 13.11 17.23 2.58
N GLY A 138 13.71 17.38 3.76
CA GLY A 138 14.46 18.60 4.03
C GLY A 138 15.80 18.46 4.72
N HIS A 139 16.03 17.37 5.44
CA HIS A 139 17.14 17.34 6.39
C HIS A 139 18.52 17.35 5.75
N HIS A 140 18.62 17.09 4.44
CA HIS A 140 19.92 17.17 3.78
C HIS A 140 20.19 18.54 3.18
N ALA A 141 19.19 19.41 3.09
CA ALA A 141 19.38 20.72 2.48
C ALA A 141 20.27 21.58 3.38
N GLU A 142 21.28 22.19 2.78
CA GLU A 142 22.19 23.07 3.49
C GLU A 142 21.70 24.52 3.41
N LYS A 143 22.41 25.41 4.11
CA LYS A 143 22.08 26.82 4.06
C LYS A 143 22.16 27.37 2.65
N ASP A 144 23.13 26.91 1.85
CA ASP A 144 23.41 27.50 0.56
C ASP A 144 23.24 26.55 -0.62
N THR A 145 22.84 25.30 -0.39
CA THR A 145 22.71 24.36 -1.51
C THR A 145 21.69 23.27 -1.17
N ALA A 146 21.15 22.66 -2.23
CA ALA A 146 20.28 21.50 -2.13
C ALA A 146 21.11 20.22 -2.13
N CYS A 147 20.52 19.16 -1.58
CA CYS A 147 21.23 17.90 -1.41
C CYS A 147 20.24 16.81 -1.02
N GLY A 148 20.50 15.59 -1.50
CA GLY A 148 19.79 14.41 -1.06
C GLY A 148 18.28 14.48 -1.14
N PHE A 149 17.75 14.91 -2.29
CA PHE A 149 16.33 15.09 -2.58
C PHE A 149 15.71 16.24 -1.79
N CYS A 150 16.51 17.04 -1.08
CA CYS A 150 16.01 18.12 -0.25
C CYS A 150 16.41 19.47 -0.84
N PHE A 151 15.45 20.39 -0.87
CA PHE A 151 15.67 21.75 -1.37
C PHE A 151 15.81 22.77 -0.23
N PHE A 152 14.91 22.72 0.75
CA PHE A 152 14.98 23.56 1.93
C PHE A 152 14.83 22.68 3.17
N ASN A 153 15.54 23.03 4.24
CA ASN A 153 15.51 22.19 5.44
C ASN A 153 14.24 22.50 6.22
N THR A 154 13.21 21.69 5.98
CA THR A 154 11.90 21.93 6.57
C THR A 154 11.94 21.89 8.10
N ALA A 155 12.58 20.86 8.66
CA ALA A 155 12.68 20.77 10.11
C ALA A 155 13.45 21.94 10.69
N ALA A 156 14.55 22.34 10.04
CA ALA A 156 15.33 23.47 10.54
C ALA A 156 14.54 24.77 10.45
N LEU A 157 13.80 24.96 9.35
CA LEU A 157 12.98 26.16 9.22
C LEU A 157 11.88 26.20 10.26
N THR A 158 11.28 25.05 10.56
CA THR A 158 10.19 25.01 11.54
C THR A 158 10.69 25.36 12.93
N ALA A 159 11.92 24.94 13.27
CA ALA A 159 12.49 25.31 14.56
C ALA A 159 12.68 26.82 14.66
N ARG A 160 13.22 27.44 13.61
CA ARG A 160 13.37 28.89 13.60
C ARG A 160 12.02 29.59 13.61
N TYR A 161 11.04 29.04 12.88
CA TYR A 161 9.70 29.62 12.89
C TYR A 161 9.07 29.51 14.28
N ALA A 162 9.26 28.37 14.93
CA ALA A 162 8.73 28.19 16.28
C ALA A 162 9.31 29.23 17.24
N GLN A 163 10.61 29.50 17.13
CA GLN A 163 11.22 30.53 17.97
C GLN A 163 10.69 31.91 17.63
N SER A 164 10.37 32.17 16.36
CA SER A 164 9.94 33.50 15.94
C SER A 164 8.55 33.86 16.47
N ILE A 165 7.71 32.87 16.78
CA ILE A 165 6.37 33.14 17.30
C ILE A 165 6.28 32.92 18.81
N THR A 166 7.41 32.65 19.46
CA THR A 166 7.45 32.53 20.91
C THR A 166 8.54 33.45 21.47
N ARG A 167 9.74 32.89 21.67
CA ARG A 167 10.91 33.67 22.04
C ARG A 167 12.12 33.07 21.34
N GLU A 168 13.17 33.89 21.18
CA GLU A 168 14.34 33.46 20.42
C GLU A 168 15.01 32.25 21.05
N SER A 169 14.96 32.12 22.38
CA SER A 169 15.66 31.06 23.09
C SER A 169 14.78 29.83 23.33
N LEU A 170 13.67 29.71 22.60
CA LEU A 170 12.80 28.55 22.78
C LEU A 170 13.56 27.27 22.47
N ARG A 171 13.58 26.35 23.43
CA ARG A 171 14.39 25.14 23.32
C ARG A 171 13.67 24.13 22.44
N VAL A 172 14.25 23.82 21.28
CA VAL A 172 13.68 22.88 20.33
C VAL A 172 14.62 21.69 20.21
N LEU A 173 14.08 20.50 20.38
CA LEU A 173 14.83 19.27 20.14
C LEU A 173 14.44 18.70 18.79
N ILE A 174 15.43 18.43 17.95
CA ILE A 174 15.22 17.79 16.66
C ILE A 174 15.83 16.40 16.71
N VAL A 175 14.98 15.39 16.65
CA VAL A 175 15.42 14.00 16.59
C VAL A 175 15.31 13.56 15.13
N ASP A 176 16.43 13.13 14.57
CA ASP A 176 16.52 12.69 13.19
C ASP A 176 16.80 11.20 13.18
N TRP A 177 15.74 10.39 13.04
CA TRP A 177 15.91 8.95 12.97
C TRP A 177 15.84 8.43 11.55
N ASP A 178 15.80 9.32 10.55
CA ASP A 178 16.10 8.94 9.19
C ASP A 178 17.44 8.24 9.13
N VAL A 179 17.55 7.21 8.30
CA VAL A 179 18.75 6.39 8.30
C VAL A 179 19.98 7.16 7.85
N HIS A 180 19.80 8.29 7.18
CA HIS A 180 20.90 9.12 6.73
C HIS A 180 21.10 10.30 7.65
N HIS A 181 22.36 10.68 7.86
CA HIS A 181 22.69 11.81 8.71
C HIS A 181 22.13 13.10 8.11
N GLY A 182 21.43 13.87 8.94
CA GLY A 182 20.95 15.18 8.52
C GLY A 182 22.07 16.20 8.52
N ASN A 183 22.89 16.17 7.46
CA ASN A 183 24.06 17.04 7.39
C ASN A 183 23.65 18.51 7.38
N GLY A 184 22.56 18.83 6.67
CA GLY A 184 22.09 20.21 6.63
C GLY A 184 21.61 20.69 7.99
N THR A 185 20.89 19.84 8.72
CA THR A 185 20.39 20.23 10.03
C THR A 185 21.52 20.42 11.03
N GLN A 186 22.55 19.56 10.95
CA GLN A 186 23.71 19.73 11.81
C GLN A 186 24.39 21.08 11.57
N HIS A 187 24.67 21.38 10.30
CA HIS A 187 25.43 22.59 9.98
C HIS A 187 24.65 23.86 10.35
N ILE A 188 23.32 23.83 10.20
CA ILE A 188 22.52 25.02 10.45
C ILE A 188 22.53 25.37 11.94
N PHE A 189 22.50 24.36 12.81
CA PHE A 189 22.44 24.57 14.25
C PHE A 189 23.74 24.21 14.96
N GLU A 190 24.84 24.07 14.20
CA GLU A 190 26.08 23.59 14.79
C GLU A 190 26.56 24.49 15.92
N GLU A 191 26.38 25.80 15.79
CA GLU A 191 26.80 26.76 16.81
C GLU A 191 25.64 27.28 17.64
N ASP A 192 24.56 26.51 17.75
CA ASP A 192 23.33 26.95 18.41
C ASP A 192 23.07 26.08 19.63
N ASP A 193 22.83 26.71 20.77
CA ASP A 193 22.51 26.02 22.01
C ASP A 193 21.01 25.98 22.30
N SER A 194 20.19 26.65 21.48
CA SER A 194 18.75 26.64 21.67
C SER A 194 18.05 25.54 20.86
N VAL A 195 18.76 24.89 19.94
CA VAL A 195 18.20 23.82 19.12
C VAL A 195 19.13 22.62 19.26
N LEU A 196 18.68 21.60 19.99
CA LEU A 196 19.47 20.40 20.22
C LEU A 196 19.21 19.40 19.10
N TYR A 197 20.26 19.03 18.38
CA TYR A 197 20.16 18.11 17.25
C TYR A 197 20.69 16.75 17.66
N ILE A 198 19.83 15.73 17.59
CA ILE A 198 20.19 14.35 17.84
C ILE A 198 19.84 13.54 16.59
N SER A 199 20.84 12.89 16.01
CA SER A 199 20.66 12.12 14.78
C SER A 199 21.19 10.71 14.99
N LEU A 200 20.39 9.73 14.59
CA LEU A 200 20.82 8.35 14.47
C LEU A 200 20.89 7.99 12.99
N HIS A 201 21.98 7.36 12.58
CA HIS A 201 22.19 7.18 11.15
C HIS A 201 23.21 6.07 10.90
N ARG A 202 23.02 5.37 9.79
CA ARG A 202 24.05 4.45 9.31
C ARG A 202 25.26 5.26 8.87
N TYR A 203 26.44 4.87 9.37
CA TYR A 203 27.67 5.61 9.14
C TYR A 203 28.66 4.84 8.29
N GLU A 204 29.04 3.63 8.71
CA GLU A 204 30.01 2.80 8.01
C GLU A 204 31.32 3.55 7.76
N ASP A 205 31.81 4.21 8.82
CA ASP A 205 33.08 4.93 8.78
C ASP A 205 33.09 6.01 7.69
N GLY A 206 31.93 6.55 7.36
CA GLY A 206 31.83 7.57 6.34
C GLY A 206 31.54 7.07 4.94
N ALA A 207 31.31 5.77 4.77
CA ALA A 207 31.05 5.21 3.44
C ALA A 207 29.58 5.28 3.04
N PHE A 208 28.68 5.50 3.99
CA PHE A 208 27.26 5.61 3.69
C PHE A 208 26.88 7.06 3.43
N PHE A 209 25.91 7.25 2.54
CA PHE A 209 25.45 8.59 2.19
C PHE A 209 25.02 9.34 3.45
N PRO A 210 25.36 10.63 3.58
CA PRO A 210 26.01 11.51 2.60
C PRO A 210 27.54 11.49 2.58
N ASN A 211 28.19 10.43 3.09
CA ASN A 211 29.60 10.15 2.82
C ASN A 211 30.53 11.20 3.42
N SER A 212 30.22 11.68 4.61
CA SER A 212 31.04 12.68 5.29
C SER A 212 31.35 12.23 6.71
N GLU A 213 32.53 12.59 7.18
CA GLU A 213 32.91 12.33 8.57
C GLU A 213 32.27 13.32 9.54
N ASP A 214 31.52 14.29 9.04
CA ASP A 214 30.74 15.17 9.92
C ASP A 214 29.69 14.40 10.71
N ALA A 215 29.33 13.20 10.27
CA ALA A 215 28.32 12.38 10.93
C ALA A 215 28.88 11.56 12.09
N ASN A 216 30.17 11.67 12.39
CA ASN A 216 30.74 10.84 13.43
C ASN A 216 30.42 11.40 14.82
N TYR A 217 30.62 10.56 15.83
CA TYR A 217 30.21 10.90 17.19
C TYR A 217 31.02 12.05 17.78
N ASP A 218 32.23 12.30 17.27
CA ASP A 218 33.08 13.33 17.84
C ASP A 218 32.66 14.75 17.47
N LYS A 219 31.72 14.90 16.54
CA LYS A 219 31.21 16.22 16.19
C LYS A 219 30.10 16.56 17.18
N VAL A 220 30.43 17.38 18.17
CA VAL A 220 29.53 17.69 19.28
C VAL A 220 28.95 19.09 19.18
N GLY A 221 29.25 19.83 18.12
CA GLY A 221 28.89 21.23 18.02
C GLY A 221 30.09 22.13 18.23
N LEU A 222 29.91 23.40 17.84
CA LEU A 222 30.99 24.37 17.87
C LEU A 222 30.54 25.64 18.59
N GLY A 223 31.50 26.30 19.23
CA GLY A 223 31.22 27.57 19.89
C GLY A 223 30.20 27.39 21.00
N LYS A 224 29.15 28.21 20.97
CA LYS A 224 28.09 28.12 21.95
C LYS A 224 27.30 26.83 21.83
N GLY A 225 27.38 26.15 20.69
CA GLY A 225 26.69 24.91 20.43
C GLY A 225 27.43 23.65 20.86
N ARG A 226 28.54 23.78 21.58
CA ARG A 226 29.30 22.61 22.00
C ARG A 226 28.46 21.77 22.96
N GLY A 227 28.19 20.52 22.57
CA GLY A 227 27.36 19.62 23.35
C GLY A 227 25.92 19.54 22.89
N TYR A 228 25.50 20.41 21.96
CA TYR A 228 24.14 20.43 21.47
C TYR A 228 24.00 19.81 20.09
N ASN A 229 24.94 18.95 19.70
CA ASN A 229 24.87 18.18 18.47
C ASN A 229 25.29 16.77 18.80
N VAL A 230 24.33 15.84 18.77
CA VAL A 230 24.57 14.45 19.18
C VAL A 230 24.42 13.57 17.96
N ASN A 231 25.54 12.98 17.51
CA ASN A 231 25.53 12.03 16.42
C ASN A 231 25.64 10.62 16.99
N ILE A 232 24.74 9.74 16.54
CA ILE A 232 24.77 8.34 16.93
C ILE A 232 25.02 7.52 15.68
N PRO A 233 26.29 7.22 15.35
CA PRO A 233 26.58 6.56 14.07
C PRO A 233 26.65 5.04 14.19
N TRP A 234 26.02 4.34 13.27
CA TRP A 234 26.02 2.88 13.26
C TRP A 234 27.06 2.36 12.28
N ASN A 235 27.83 1.38 12.71
CA ASN A 235 28.85 0.76 11.87
C ASN A 235 28.74 -0.75 11.98
N GLY A 236 29.06 -1.44 10.88
CA GLY A 236 29.06 -2.88 10.87
C GLY A 236 27.73 -3.60 10.99
N GLY A 237 26.88 -3.48 9.99
CA GLY A 237 25.79 -4.42 9.80
C GLY A 237 24.42 -3.79 9.94
N LYS A 238 23.43 -4.63 9.60
CA LYS A 238 22.01 -4.28 9.58
C LYS A 238 21.49 -4.08 11.00
N MET A 239 21.18 -2.83 11.35
CA MET A 239 20.67 -2.49 12.68
C MET A 239 19.15 -2.57 12.69
N GLY A 240 18.59 -2.79 13.89
CA GLY A 240 17.15 -2.92 14.02
C GLY A 240 16.56 -2.36 15.30
N ASP A 241 15.42 -2.89 15.70
CA ASP A 241 14.72 -2.42 16.91
C ASP A 241 15.58 -2.45 18.16
N PRO A 242 16.29 -3.53 18.50
CA PRO A 242 17.05 -3.52 19.78
C PRO A 242 18.11 -2.45 19.84
N GLU A 243 18.71 -2.10 18.71
CA GLU A 243 19.74 -1.05 18.72
C GLU A 243 19.13 0.32 18.92
N TYR A 244 17.99 0.59 18.27
CA TYR A 244 17.34 1.89 18.44
C TYR A 244 16.68 2.01 19.80
N MET A 245 16.23 0.89 20.37
CA MET A 245 15.72 0.92 21.73
C MET A 245 16.82 1.29 22.72
N ALA A 246 18.01 0.71 22.53
CA ALA A 246 19.12 0.96 23.44
C ALA A 246 19.65 2.39 23.31
N ALA A 247 19.77 2.90 22.08
CA ALA A 247 20.24 4.27 21.90
C ALA A 247 19.30 5.28 22.54
N PHE A 248 17.99 5.05 22.46
CA PHE A 248 17.05 5.95 23.11
C PHE A 248 17.14 5.86 24.63
N HIS A 249 17.29 4.64 25.15
CA HIS A 249 17.38 4.46 26.59
C HIS A 249 18.69 5.04 27.15
N HIS A 250 19.79 4.84 26.44
CA HIS A 250 21.09 5.22 26.96
C HIS A 250 21.50 6.64 26.60
N LEU A 251 21.03 7.17 25.47
CA LEU A 251 21.53 8.46 24.99
C LEU A 251 20.41 9.46 24.75
N VAL A 252 19.48 9.12 23.85
CA VAL A 252 18.51 10.11 23.38
C VAL A 252 17.65 10.62 24.53
N MET A 253 17.02 9.71 25.27
CA MET A 253 16.07 10.11 26.30
C MET A 253 16.75 10.80 27.48
N PRO A 254 17.89 10.31 27.99
CA PRO A 254 18.56 11.07 29.07
C PRO A 254 19.00 12.46 28.65
N ILE A 255 19.59 12.60 27.46
CA ILE A 255 20.02 13.93 27.02
C ILE A 255 18.83 14.84 26.79
N ALA A 256 17.77 14.32 26.15
CA ALA A 256 16.60 15.14 25.87
C ALA A 256 15.92 15.62 27.15
N ARG A 257 15.85 14.76 28.16
CA ARG A 257 15.20 15.16 29.41
C ARG A 257 15.98 16.25 30.12
N GLU A 258 17.31 16.16 30.13
CA GLU A 258 18.13 17.21 30.73
C GLU A 258 17.99 18.52 29.96
N PHE A 259 17.94 18.44 28.63
CA PHE A 259 17.75 19.64 27.82
C PHE A 259 16.40 20.29 28.11
N ALA A 260 15.40 19.49 28.50
CA ALA A 260 14.05 19.95 28.78
C ALA A 260 13.52 20.78 27.62
N PRO A 261 13.26 20.19 26.47
CA PRO A 261 12.80 20.99 25.33
C PRO A 261 11.38 21.47 25.54
N GLU A 262 11.09 22.61 24.91
CA GLU A 262 9.73 23.14 24.87
C GLU A 262 8.99 22.72 23.62
N LEU A 263 9.69 22.18 22.63
CA LEU A 263 9.10 21.67 21.40
C LEU A 263 9.99 20.56 20.87
N VAL A 264 9.38 19.49 20.37
CA VAL A 264 10.10 18.34 19.83
C VAL A 264 9.71 18.21 18.37
N LEU A 265 10.71 18.29 17.49
CA LEU A 265 10.54 18.05 16.06
C LEU A 265 11.22 16.73 15.72
N VAL A 266 10.50 15.86 15.04
CA VAL A 266 11.03 14.56 14.63
C VAL A 266 11.20 14.59 13.12
N SER A 267 12.46 14.64 12.66
CA SER A 267 12.79 14.39 11.27
C SER A 267 12.60 12.90 11.04
N ALA A 268 11.35 12.52 10.77
CA ALA A 268 10.95 11.12 10.76
C ALA A 268 11.08 10.54 9.35
N GLY A 269 12.31 10.21 8.99
CA GLY A 269 12.53 9.38 7.83
C GLY A 269 12.32 7.92 8.17
N PHE A 270 11.79 7.17 7.20
CA PHE A 270 11.51 5.77 7.43
C PHE A 270 12.30 4.87 6.47
N ASP A 271 13.51 5.29 6.12
CA ASP A 271 14.39 4.48 5.30
C ASP A 271 15.32 3.58 6.13
N ALA A 272 15.20 3.62 7.45
CA ALA A 272 15.79 2.59 8.31
C ALA A 272 14.84 1.44 8.56
N ALA A 273 13.68 1.45 7.90
CA ALA A 273 12.66 0.45 8.14
C ALA A 273 12.96 -0.85 7.40
N ARG A 274 12.49 -1.95 7.97
CA ARG A 274 12.56 -3.25 7.30
C ARG A 274 11.93 -3.16 5.91
N GLY A 275 12.68 -3.61 4.91
CA GLY A 275 12.19 -3.63 3.55
C GLY A 275 12.52 -2.42 2.71
N ASP A 276 13.19 -1.41 3.27
CA ASP A 276 13.54 -0.25 2.50
C ASP A 276 14.66 -0.59 1.50
N PRO A 277 14.56 -0.14 0.26
CA PRO A 277 15.56 -0.51 -0.75
C PRO A 277 16.87 0.26 -0.64
N LEU A 278 16.95 1.24 0.25
CA LEU A 278 18.12 2.11 0.34
C LEU A 278 18.82 2.07 1.68
N GLY A 279 18.13 1.76 2.77
CA GLY A 279 18.72 1.85 4.09
C GLY A 279 19.46 0.60 4.55
N GLY A 280 18.90 -0.57 4.26
CA GLY A 280 19.52 -1.81 4.68
C GLY A 280 19.36 -2.15 6.15
N PHE A 281 18.44 -1.51 6.85
CA PHE A 281 18.17 -1.78 8.26
C PHE A 281 16.84 -2.54 8.39
N GLN A 282 16.43 -2.81 9.64
CA GLN A 282 15.26 -3.63 9.90
C GLN A 282 14.45 -3.09 11.08
N VAL A 283 14.27 -1.78 11.16
CA VAL A 283 13.40 -1.21 12.18
C VAL A 283 11.95 -1.49 11.80
N THR A 284 11.19 -2.08 12.74
CA THR A 284 9.81 -2.48 12.49
C THR A 284 8.85 -1.35 12.81
N PRO A 285 7.62 -1.40 12.29
CA PRO A 285 6.63 -0.37 12.65
C PRO A 285 6.40 -0.26 14.15
N GLU A 286 6.46 -1.38 14.88
CA GLU A 286 6.35 -1.33 16.33
C GLU A 286 7.51 -0.55 16.94
N GLY A 287 8.70 -0.69 16.36
CA GLY A 287 9.85 0.06 16.84
C GLY A 287 9.64 1.56 16.73
N TYR A 288 9.18 2.02 15.56
CA TYR A 288 8.90 3.45 15.39
C TYR A 288 7.80 3.91 16.33
N ALA A 289 6.84 3.04 16.64
CA ALA A 289 5.80 3.41 17.58
C ALA A 289 6.37 3.63 18.98
N HIS A 290 7.24 2.73 19.43
CA HIS A 290 7.84 2.88 20.76
C HIS A 290 8.72 4.12 20.83
N LEU A 291 9.48 4.40 19.76
CA LEU A 291 10.28 5.62 19.75
C LEU A 291 9.39 6.85 19.81
N THR A 292 8.30 6.85 19.03
CA THR A 292 7.35 7.96 19.10
C THR A 292 6.77 8.08 20.51
N HIS A 293 6.39 6.96 21.12
CA HIS A 293 5.78 7.01 22.44
C HIS A 293 6.74 7.59 23.47
N GLN A 294 8.04 7.27 23.36
CA GLN A 294 9.00 7.79 24.32
C GLN A 294 9.17 9.29 24.18
N LEU A 295 9.22 9.79 22.94
CA LEU A 295 9.39 11.23 22.74
C LEU A 295 8.19 12.02 23.26
N MET A 296 7.00 11.40 23.30
CA MET A 296 5.82 12.10 23.82
C MET A 296 5.92 12.41 25.31
N SER A 297 6.85 11.80 26.02
CA SER A 297 7.07 12.14 27.42
C SER A 297 7.87 13.43 27.60
N LEU A 298 8.16 14.14 26.51
CA LEU A 298 8.94 15.37 26.54
C LEU A 298 8.08 16.55 26.14
N ALA A 299 8.49 17.74 26.57
CA ALA A 299 7.88 19.01 26.16
C ALA A 299 6.37 19.02 26.37
N ALA A 300 5.90 18.32 27.42
CA ALA A 300 4.48 18.21 27.71
C ALA A 300 3.71 17.68 26.51
N GLY A 301 4.33 16.76 25.77
CA GLY A 301 3.69 16.13 24.64
C GLY A 301 3.64 16.94 23.37
N ARG A 302 4.36 18.06 23.30
CA ARG A 302 4.36 18.90 22.11
C ARG A 302 5.37 18.31 21.11
N VAL A 303 4.88 17.41 20.26
CA VAL A 303 5.71 16.65 19.34
C VAL A 303 5.17 16.82 17.93
N LEU A 304 6.06 17.20 17.00
CA LEU A 304 5.71 17.32 15.59
C LEU A 304 6.50 16.28 14.80
N ILE A 305 5.81 15.35 14.17
CA ILE A 305 6.43 14.32 13.34
C ILE A 305 6.43 14.82 11.90
N ILE A 306 7.62 14.95 11.32
CA ILE A 306 7.80 15.46 9.96
C ILE A 306 8.38 14.35 9.10
N LEU A 307 7.71 14.05 7.99
CA LEU A 307 8.19 13.02 7.08
C LEU A 307 9.48 13.49 6.41
N GLU A 308 10.47 12.60 6.37
CA GLU A 308 11.70 12.86 5.64
C GLU A 308 11.89 11.81 4.55
N GLY A 309 12.87 10.92 4.72
CA GLY A 309 13.10 9.84 3.77
C GLY A 309 12.19 8.66 4.02
N GLY A 310 12.54 7.54 3.37
CA GLY A 310 11.73 6.34 3.41
C GLY A 310 11.14 6.06 2.03
N TYR A 311 11.47 4.92 1.43
CA TYR A 311 11.22 4.70 0.02
C TYR A 311 10.59 3.34 -0.29
N ASN A 312 10.22 2.57 0.71
CA ASN A 312 9.35 1.41 0.53
C ASN A 312 7.94 1.87 0.88
N LEU A 313 7.06 1.91 -0.11
CA LEU A 313 5.74 2.50 0.09
C LEU A 313 4.95 1.78 1.16
N THR A 314 5.03 0.45 1.21
CA THR A 314 4.30 -0.29 2.24
C THR A 314 4.94 -0.11 3.61
N SER A 315 6.27 -0.04 3.67
CA SER A 315 6.95 0.10 4.95
C SER A 315 6.69 1.46 5.58
N ILE A 316 6.84 2.54 4.79
CA ILE A 316 6.66 3.88 5.34
C ILE A 316 5.20 4.15 5.67
N SER A 317 4.26 3.52 4.95
CA SER A 317 2.85 3.71 5.25
C SER A 317 2.51 3.11 6.60
N GLU A 318 2.94 1.87 6.84
CA GLU A 318 2.68 1.24 8.13
C GLU A 318 3.43 1.95 9.25
N SER A 319 4.66 2.39 8.99
CA SER A 319 5.51 2.92 10.05
C SER A 319 5.03 4.29 10.52
N MET A 320 4.68 5.19 9.59
CA MET A 320 4.22 6.50 10.01
C MET A 320 2.83 6.42 10.62
N SER A 321 1.97 5.54 10.09
CA SER A 321 0.65 5.36 10.69
CA SER A 321 0.65 5.36 10.69
C SER A 321 0.74 4.86 12.12
N MET A 322 1.76 4.05 12.43
CA MET A 322 1.98 3.61 13.79
C MET A 322 2.39 4.78 14.68
N CYS A 323 3.18 5.72 14.13
CA CYS A 323 3.56 6.90 14.88
C CYS A 323 2.35 7.78 15.17
N THR A 324 1.51 8.00 14.17
CA THR A 324 0.27 8.76 14.38
C THR A 324 -0.63 8.08 15.39
N SER A 325 -0.65 6.75 15.38
CA SER A 325 -1.42 6.01 16.38
C SER A 325 -0.93 6.31 17.79
N MET A 326 0.40 6.48 17.96
CA MET A 326 0.92 6.83 19.28
C MET A 326 0.54 8.25 19.67
N LEU A 327 0.65 9.20 18.74
CA LEU A 327 0.27 10.58 19.07
C LEU A 327 -1.19 10.67 19.47
N LEU A 328 -2.05 9.81 18.91
CA LEU A 328 -3.47 9.83 19.25
C LEU A 328 -3.77 9.17 20.58
N GLY A 329 -2.78 8.57 21.24
CA GLY A 329 -2.96 8.03 22.57
C GLY A 329 -3.07 6.53 22.66
N ASP A 330 -2.96 5.81 21.55
CA ASP A 330 -3.07 4.36 21.59
C ASP A 330 -1.88 3.75 22.32
N SER A 331 -2.09 2.56 22.86
CA SER A 331 -1.03 1.88 23.59
C SER A 331 0.01 1.33 22.62
N PRO A 332 1.28 1.34 22.99
CA PRO A 332 2.33 0.83 22.11
C PRO A 332 2.17 -0.67 21.87
N PRO A 333 2.25 -1.10 20.61
CA PRO A 333 2.24 -2.55 20.34
C PRO A 333 3.56 -3.17 20.82
N SER A 334 3.48 -4.45 21.16
CA SER A 334 4.64 -5.12 21.72
C SER A 334 5.69 -5.43 20.66
N LEU A 335 6.95 -5.32 21.04
CA LEU A 335 8.06 -5.60 20.15
C LEU A 335 8.36 -7.09 20.14
N ASP A 336 9.16 -7.51 19.16
CA ASP A 336 9.55 -8.91 19.02
C ASP A 336 10.48 -9.34 20.14
N THR A 339 16.54 -9.53 21.49
CA THR A 339 17.75 -9.85 20.73
C THR A 339 18.94 -9.07 21.26
N PRO A 340 20.04 -9.75 21.52
CA PRO A 340 21.23 -9.07 22.04
C PRO A 340 21.78 -8.06 21.04
N LEU A 341 22.19 -6.91 21.57
CA LEU A 341 22.80 -5.87 20.75
C LEU A 341 24.04 -6.40 20.03
N LYS A 342 24.13 -6.11 18.74
CA LYS A 342 25.35 -6.41 18.01
C LYS A 342 26.52 -5.64 18.63
N THR A 343 27.68 -6.29 18.63
CA THR A 343 28.85 -5.73 19.32
C THR A 343 29.16 -4.31 18.87
N SER A 344 29.13 -4.07 17.55
CA SER A 344 29.48 -2.75 17.04
C SER A 344 28.48 -1.69 17.51
N ALA A 345 27.22 -2.09 17.73
CA ALA A 345 26.23 -1.14 18.22
C ALA A 345 26.56 -0.69 19.64
N THR A 346 26.97 -1.62 20.49
CA THR A 346 27.43 -1.25 21.83
C THR A 346 28.63 -0.34 21.77
N VAL A 347 29.56 -0.61 20.85
CA VAL A 347 30.73 0.24 20.69
C VAL A 347 30.32 1.66 20.31
N SER A 348 29.36 1.78 19.37
CA SER A 348 28.90 3.09 18.95
C SER A 348 28.26 3.86 20.10
N ILE A 349 27.36 3.20 20.85
CA ILE A 349 26.70 3.88 21.97
C ILE A 349 27.72 4.30 23.01
N ASN A 350 28.74 3.48 23.24
CA ASN A 350 29.76 3.83 24.23
C ASN A 350 30.59 5.03 23.79
N ASN A 351 30.85 5.17 22.49
CA ASN A 351 31.60 6.32 22.00
C ASN A 351 30.80 7.61 22.18
N VAL A 352 29.51 7.59 21.88
CA VAL A 352 28.68 8.79 22.07
C VAL A 352 28.60 9.15 23.56
N LEU A 353 28.49 8.15 24.43
CA LEU A 353 28.40 8.42 25.86
C LEU A 353 29.65 9.14 26.36
N ARG A 354 30.83 8.69 25.94
CA ARG A 354 32.07 9.31 26.39
C ARG A 354 32.24 10.70 25.79
N ALA A 355 31.81 10.89 24.54
CA ALA A 355 31.96 12.18 23.89
C ALA A 355 31.04 13.24 24.51
N HIS A 356 29.88 12.83 25.02
CA HIS A 356 28.89 13.79 25.48
C HIS A 356 28.71 13.82 26.99
N ALA A 357 29.31 12.89 27.74
CA ALA A 357 29.30 12.98 29.19
C ALA A 357 29.83 14.31 29.72
N PRO A 358 30.85 14.95 29.14
CA PRO A 358 31.25 16.27 29.63
C PRO A 358 30.12 17.29 29.66
N PHE A 359 29.14 17.18 28.77
CA PHE A 359 28.12 18.20 28.64
C PHE A 359 26.78 17.82 29.27
N TRP A 360 26.54 16.54 29.53
CA TRP A 360 25.26 16.06 30.04
C TRP A 360 25.53 15.18 31.26
N SER A 361 25.29 15.73 32.45
CA SER A 361 25.54 15.00 33.68
C SER A 361 24.65 13.78 33.83
N SER A 362 23.53 13.73 33.11
CA SER A 362 22.67 12.55 33.12
C SER A 362 23.30 11.35 32.43
N LEU A 363 24.44 11.53 31.76
CA LEU A 363 25.13 10.41 31.12
C LEU A 363 26.15 9.78 32.06
N PRO B 8 8.81 -23.70 -16.59
CA PRO B 8 8.15 -23.28 -15.35
C PRO B 8 8.00 -21.77 -15.26
N ILE B 9 7.19 -21.20 -16.15
CA ILE B 9 7.07 -19.76 -16.29
C ILE B 9 5.68 -19.33 -15.83
N THR B 10 5.62 -18.24 -15.06
CA THR B 10 4.37 -17.67 -14.59
C THR B 10 4.11 -16.36 -15.32
N GLY B 11 2.89 -16.22 -15.85
CA GLY B 11 2.51 -15.02 -16.56
C GLY B 11 1.80 -13.99 -15.68
N LEU B 12 1.85 -12.75 -16.13
CA LEU B 12 1.18 -11.65 -15.44
C LEU B 12 0.73 -10.65 -16.49
N VAL B 13 -0.53 -10.24 -16.43
CA VAL B 13 -1.06 -9.20 -17.30
C VAL B 13 -1.57 -8.06 -16.43
N TYR B 14 -1.25 -6.83 -16.84
CA TYR B 14 -1.71 -5.64 -16.14
C TYR B 14 -1.61 -4.45 -17.10
N ASP B 15 -2.59 -3.56 -17.02
CA ASP B 15 -2.60 -2.35 -17.84
C ASP B 15 -3.20 -1.24 -16.99
N GLN B 16 -2.43 -0.16 -16.81
CA GLN B 16 -2.91 0.98 -16.02
C GLN B 16 -4.14 1.62 -16.62
N ARG B 17 -4.41 1.40 -17.91
CA ARG B 17 -5.56 2.01 -18.55
C ARG B 17 -6.89 1.46 -18.06
N MET B 18 -6.89 0.36 -17.30
CA MET B 18 -8.11 -0.09 -16.66
C MET B 18 -8.48 0.75 -15.43
N MET B 19 -7.60 1.67 -15.01
CA MET B 19 -7.96 2.60 -13.95
C MET B 19 -8.90 3.70 -14.44
N LEU B 20 -9.01 3.90 -15.76
CA LEU B 20 -9.81 5.00 -16.29
C LEU B 20 -11.29 4.86 -15.93
N HIS B 21 -11.75 3.65 -15.61
CA HIS B 21 -13.12 3.43 -15.18
C HIS B 21 -13.29 3.98 -13.76
N HIS B 22 -14.14 5.00 -13.61
CA HIS B 22 -14.27 5.70 -12.34
C HIS B 22 -15.72 6.10 -12.12
N ASN B 23 -16.02 6.46 -10.87
CA ASN B 23 -17.33 6.89 -10.43
C ASN B 23 -17.37 8.42 -10.45
N MET B 24 -18.16 9.00 -11.36
CA MET B 24 -18.20 10.45 -11.50
C MET B 24 -18.90 11.12 -10.32
N TRP B 25 -19.77 10.39 -9.61
CA TRP B 25 -20.51 10.97 -8.49
C TRP B 25 -19.85 10.71 -7.15
N ASP B 26 -19.02 9.67 -7.03
CA ASP B 26 -18.48 9.26 -5.73
C ASP B 26 -17.06 8.76 -5.96
N SER B 27 -16.09 9.68 -5.86
CA SER B 27 -14.70 9.32 -6.09
C SER B 27 -14.15 8.37 -5.03
N HIS B 28 -14.78 8.29 -3.86
CA HIS B 28 -14.35 7.39 -2.80
C HIS B 28 -15.12 6.07 -2.82
N HIS B 29 -15.77 5.76 -3.93
CA HIS B 29 -16.44 4.48 -4.08
C HIS B 29 -15.42 3.35 -3.94
N PRO B 30 -15.76 2.26 -3.24
CA PRO B 30 -14.75 1.24 -2.92
C PRO B 30 -14.14 0.55 -4.14
N GLU B 31 -14.83 0.52 -5.29
CA GLU B 31 -14.26 -0.08 -6.49
C GLU B 31 -13.33 0.94 -7.16
N LEU B 32 -12.23 1.23 -6.44
CA LEU B 32 -11.32 2.30 -6.78
C LEU B 32 -10.44 1.92 -7.98
N PRO B 33 -10.11 2.90 -8.83
CA PRO B 33 -9.11 2.64 -9.87
C PRO B 33 -7.76 2.19 -9.33
N GLN B 34 -7.36 2.66 -8.15
CA GLN B 34 -6.06 2.29 -7.61
C GLN B 34 -6.03 0.87 -7.06
N ARG B 35 -7.12 0.12 -7.15
CA ARG B 35 -7.10 -1.28 -6.74
C ARG B 35 -6.07 -2.07 -7.53
N ILE B 36 -6.02 -1.88 -8.84
CA ILE B 36 -5.12 -2.67 -9.67
C ILE B 36 -3.69 -2.14 -9.58
N SER B 37 -3.51 -0.81 -9.51
CA SER B 37 -2.17 -0.26 -9.41
C SER B 37 -1.53 -0.59 -8.07
N ARG B 38 -2.33 -0.68 -7.01
CA ARG B 38 -1.78 -1.06 -5.71
C ARG B 38 -1.31 -2.51 -5.70
N ILE B 39 -2.09 -3.41 -6.32
CA ILE B 39 -1.67 -4.80 -6.42
C ILE B 39 -0.42 -4.92 -7.28
N PHE B 40 -0.38 -4.17 -8.40
CA PHE B 40 0.78 -4.20 -9.28
C PHE B 40 2.02 -3.64 -8.58
N SER B 41 1.84 -2.56 -7.80
CA SER B 41 2.97 -1.99 -7.07
C SER B 41 3.51 -2.96 -6.03
N ARG B 42 2.63 -3.69 -5.35
CA ARG B 42 3.08 -4.67 -4.38
C ARG B 42 3.88 -5.79 -5.04
N HIS B 43 3.52 -6.16 -6.27
CA HIS B 43 4.30 -7.15 -7.00
C HIS B 43 5.71 -6.62 -7.28
N GLU B 44 5.83 -5.32 -7.54
CA GLU B 44 7.14 -4.73 -7.81
C GLU B 44 7.99 -4.69 -6.56
N GLU B 45 7.45 -4.17 -5.45
CA GLU B 45 8.23 -4.02 -4.23
C GLU B 45 8.60 -5.36 -3.62
N LEU B 46 7.85 -6.43 -3.90
CA LEU B 46 8.21 -7.77 -3.47
C LEU B 46 9.11 -8.49 -4.47
N ARG B 47 9.50 -7.82 -5.56
CA ARG B 47 10.36 -8.40 -6.60
C ARG B 47 9.74 -9.62 -7.24
N LEU B 48 8.41 -9.69 -7.29
CA LEU B 48 7.72 -10.76 -7.98
C LEU B 48 7.50 -10.45 -9.46
N LEU B 49 7.43 -9.16 -9.81
CA LEU B 49 7.16 -8.78 -11.20
C LEU B 49 8.30 -9.22 -12.11
N SER B 50 9.55 -9.02 -11.69
CA SER B 50 10.69 -9.38 -12.52
C SER B 50 10.80 -10.88 -12.74
N ARG B 51 10.16 -11.70 -11.90
CA ARG B 51 10.16 -13.14 -12.05
C ARG B 51 9.03 -13.66 -12.92
N CYS B 52 8.07 -12.81 -13.29
CA CYS B 52 6.97 -13.18 -14.16
C CYS B 52 7.26 -12.76 -15.58
N HIS B 53 6.63 -13.45 -16.53
CA HIS B 53 6.66 -13.06 -17.93
C HIS B 53 5.46 -12.16 -18.20
N ARG B 54 5.73 -10.94 -18.65
CA ARG B 54 4.66 -9.98 -18.89
C ARG B 54 3.85 -10.40 -20.12
N ILE B 55 2.55 -10.57 -19.93
CA ILE B 55 1.65 -10.93 -21.01
C ILE B 55 0.95 -9.67 -21.50
N PRO B 56 0.92 -9.39 -22.80
CA PRO B 56 0.35 -8.13 -23.26
C PRO B 56 -1.16 -8.11 -23.10
N ALA B 57 -1.69 -6.94 -22.77
CA ALA B 57 -3.12 -6.71 -22.66
C ALA B 57 -3.69 -6.31 -24.00
N ARG B 58 -5.00 -6.54 -24.17
CA ARG B 58 -5.69 -6.20 -25.40
C ARG B 58 -7.17 -6.10 -25.11
N LEU B 59 -7.89 -5.45 -26.04
CA LEU B 59 -9.34 -5.33 -25.95
C LEU B 59 -10.00 -6.59 -26.49
N ALA B 60 -11.03 -7.06 -25.78
CA ALA B 60 -11.86 -8.12 -26.32
C ALA B 60 -12.71 -7.60 -27.47
N THR B 61 -13.01 -8.48 -28.42
CA THR B 61 -13.87 -8.11 -29.53
C THR B 61 -15.33 -8.30 -29.15
N GLU B 62 -16.21 -7.60 -29.87
CA GLU B 62 -17.63 -7.74 -29.64
C GLU B 62 -18.10 -9.16 -29.91
N GLU B 63 -17.53 -9.82 -30.92
CA GLU B 63 -17.86 -11.21 -31.18
C GLU B 63 -17.44 -12.10 -30.00
N GLU B 64 -16.31 -11.77 -29.37
CA GLU B 64 -15.89 -12.52 -28.18
C GLU B 64 -16.83 -12.29 -27.01
N LEU B 65 -17.40 -11.09 -26.89
CA LEU B 65 -18.38 -10.84 -25.84
C LEU B 65 -19.64 -11.67 -26.04
N ALA B 66 -20.01 -11.94 -27.30
CA ALA B 66 -21.20 -12.72 -27.60
C ALA B 66 -21.11 -14.16 -27.13
N LEU B 67 -19.92 -14.63 -26.72
CA LEU B 67 -19.80 -15.98 -26.20
C LEU B 67 -20.67 -16.19 -24.98
N CYS B 68 -20.90 -15.14 -24.18
CA CYS B 68 -21.70 -15.24 -22.96
C CYS B 68 -22.79 -14.18 -22.84
N HIS B 69 -22.73 -13.09 -23.60
CA HIS B 69 -23.66 -11.98 -23.41
C HIS B 69 -24.49 -11.74 -24.66
N SER B 70 -25.74 -11.30 -24.45
CA SER B 70 -26.65 -10.98 -25.52
C SER B 70 -26.21 -9.73 -26.27
N SER B 71 -26.69 -9.60 -27.51
CA SER B 71 -26.35 -8.43 -28.33
C SER B 71 -26.90 -7.14 -27.72
N LYS B 72 -28.08 -7.22 -27.10
CA LYS B 72 -28.66 -6.03 -26.49
C LYS B 72 -27.78 -5.51 -25.36
N HIS B 73 -27.33 -6.40 -24.48
CA HIS B 73 -26.47 -5.99 -23.38
C HIS B 73 -25.14 -5.43 -23.89
N ILE B 74 -24.54 -6.08 -24.88
CA ILE B 74 -23.28 -5.58 -25.43
C ILE B 74 -23.48 -4.20 -26.03
N SER B 75 -24.58 -3.99 -26.76
CA SER B 75 -24.76 -2.73 -27.47
C SER B 75 -25.06 -1.57 -26.51
N ILE B 76 -25.81 -1.83 -25.45
CA ILE B 76 -26.13 -0.75 -24.51
C ILE B 76 -24.88 -0.31 -23.75
N ILE B 77 -24.07 -1.26 -23.31
CA ILE B 77 -22.83 -0.89 -22.62
C ILE B 77 -21.82 -0.29 -23.58
N LYS B 78 -21.80 -0.77 -24.83
CA LYS B 78 -20.93 -0.17 -25.84
C LYS B 78 -21.30 1.28 -26.09
N SER B 79 -22.60 1.60 -26.04
CA SER B 79 -23.05 2.96 -26.31
C SER B 79 -22.69 3.92 -25.19
N SER B 80 -22.38 3.41 -24.00
CA SER B 80 -22.05 4.27 -22.87
C SER B 80 -20.77 5.07 -23.11
N GLU B 81 -19.93 4.65 -24.05
CA GLU B 81 -18.68 5.35 -24.33
C GLU B 81 -18.91 6.76 -24.85
N HIS B 82 -20.07 7.02 -25.48
CA HIS B 82 -20.38 8.31 -26.06
C HIS B 82 -21.51 9.02 -25.35
N MET B 83 -21.89 8.56 -24.17
CA MET B 83 -23.03 9.11 -23.45
C MET B 83 -22.66 10.37 -22.69
N LYS B 84 -23.66 11.21 -22.46
CA LYS B 84 -23.51 12.40 -21.63
C LYS B 84 -23.61 12.02 -20.15
N PRO B 85 -23.14 12.88 -19.25
CA PRO B 85 -23.19 12.53 -17.82
C PRO B 85 -24.56 12.08 -17.34
N ARG B 86 -25.64 12.74 -17.77
CA ARG B 86 -26.97 12.36 -17.32
C ARG B 86 -27.36 11.00 -17.89
N ASP B 87 -26.99 10.72 -19.14
CA ASP B 87 -27.25 9.40 -19.72
C ASP B 87 -26.50 8.31 -18.95
N LEU B 88 -25.27 8.61 -18.51
CA LEU B 88 -24.48 7.61 -17.80
C LEU B 88 -25.05 7.34 -16.41
N ASN B 89 -25.50 8.40 -15.70
CA ASN B 89 -26.08 8.21 -14.38
C ASN B 89 -27.40 7.45 -14.46
N ARG B 90 -28.26 7.79 -15.43
CA ARG B 90 -29.54 7.10 -15.57
C ARG B 90 -29.34 5.64 -15.97
N LEU B 91 -28.39 5.38 -16.86
CA LEU B 91 -28.15 4.00 -17.28
C LEU B 91 -27.56 3.17 -16.15
N GLY B 92 -26.60 3.74 -15.42
CA GLY B 92 -26.04 3.04 -14.28
C GLY B 92 -27.08 2.73 -13.21
N ASP B 93 -28.03 3.63 -13.02
CA ASP B 93 -29.07 3.44 -12.01
C ASP B 93 -30.11 2.41 -12.42
N GLU B 94 -30.13 1.98 -13.68
CA GLU B 94 -31.02 0.91 -14.11
C GLU B 94 -30.57 -0.46 -13.64
N TYR B 95 -29.34 -0.59 -13.15
CA TYR B 95 -28.79 -1.86 -12.69
C TYR B 95 -28.63 -1.84 -11.17
N ASN B 96 -28.32 -3.02 -10.64
CA ASN B 96 -28.09 -3.20 -9.21
C ASN B 96 -26.61 -2.94 -8.92
N SER B 97 -26.31 -1.78 -8.34
CA SER B 97 -24.97 -1.41 -7.87
C SER B 97 -23.96 -1.34 -9.02
N ILE B 98 -24.17 -0.34 -9.88
CA ILE B 98 -23.34 -0.14 -11.06
C ILE B 98 -23.17 1.36 -11.27
N PHE B 99 -21.92 1.80 -11.46
CA PHE B 99 -21.61 3.14 -11.93
C PHE B 99 -20.89 3.03 -13.26
N ILE B 100 -21.18 3.96 -14.17
CA ILE B 100 -20.65 3.95 -15.52
C ILE B 100 -20.04 5.31 -15.84
N SER B 101 -18.90 5.30 -16.50
CA SER B 101 -18.27 6.50 -17.05
C SER B 101 -18.00 6.27 -18.54
N ASN B 102 -17.46 7.29 -19.20
CA ASN B 102 -17.19 7.20 -20.63
C ASN B 102 -16.11 6.16 -20.95
N GLU B 103 -15.31 5.76 -19.97
CA GLU B 103 -14.22 4.81 -20.18
C GLU B 103 -14.54 3.42 -19.66
N SER B 104 -15.75 3.20 -19.10
CA SER B 104 -16.07 1.91 -18.51
C SER B 104 -16.06 0.78 -19.54
N TYR B 105 -16.65 1.02 -20.71
CA TYR B 105 -16.79 -0.03 -21.70
C TYR B 105 -15.44 -0.53 -22.18
N THR B 106 -14.52 0.40 -22.49
CA THR B 106 -13.19 0.01 -22.92
C THR B 106 -12.44 -0.70 -21.80
N CYS B 107 -12.60 -0.25 -20.56
CA CYS B 107 -11.92 -0.90 -19.44
C CYS B 107 -12.42 -2.31 -19.24
N ALA B 108 -13.73 -2.54 -19.39
CA ALA B 108 -14.26 -3.89 -19.33
C ALA B 108 -13.77 -4.73 -20.50
N LEU B 109 -13.65 -4.12 -21.68
CA LEU B 109 -13.05 -4.81 -22.81
C LEU B 109 -11.60 -5.18 -22.52
N LEU B 110 -10.86 -4.26 -21.89
CA LEU B 110 -9.46 -4.52 -21.56
C LEU B 110 -9.32 -5.64 -20.55
N ALA B 111 -10.22 -5.68 -19.56
CA ALA B 111 -10.15 -6.73 -18.53
C ALA B 111 -10.37 -8.10 -19.14
N ALA B 112 -11.37 -8.23 -20.02
CA ALA B 112 -11.64 -9.52 -20.67
C ALA B 112 -10.50 -9.93 -21.60
N GLY B 113 -10.11 -9.04 -22.50
CA GLY B 113 -9.06 -9.38 -23.46
C GLY B 113 -7.74 -9.70 -22.79
N SER B 114 -7.46 -9.08 -21.64
CA SER B 114 -6.25 -9.42 -20.89
C SER B 114 -6.29 -10.86 -20.40
N CYS B 115 -7.48 -11.38 -20.09
CA CYS B 115 -7.59 -12.76 -19.63
C CYS B 115 -7.58 -13.75 -20.80
N PHE B 116 -8.06 -13.34 -21.98
CA PHE B 116 -7.99 -14.21 -23.14
C PHE B 116 -6.54 -14.47 -23.54
N ASN B 117 -5.71 -13.43 -23.53
CA ASN B 117 -4.29 -13.61 -23.84
C ASN B 117 -3.62 -14.48 -22.80
N SER B 118 -4.03 -14.36 -21.54
CA SER B 118 -3.45 -15.18 -20.48
C SER B 118 -3.82 -16.65 -20.65
N ALA B 119 -5.10 -16.92 -20.88
CA ALA B 119 -5.53 -18.30 -21.11
C ALA B 119 -4.88 -18.88 -22.35
N GLN B 120 -4.77 -18.08 -23.41
CA GLN B 120 -4.11 -18.55 -24.62
C GLN B 120 -2.64 -18.85 -24.36
N ALA B 121 -1.97 -18.01 -23.57
CA ALA B 121 -0.58 -18.26 -23.23
C ALA B 121 -0.43 -19.55 -22.42
N ILE B 122 -1.40 -19.85 -21.56
CA ILE B 122 -1.38 -21.09 -20.80
C ILE B 122 -1.64 -22.28 -21.73
N LEU B 123 -2.67 -22.17 -22.56
CA LEU B 123 -3.10 -23.30 -23.37
C LEU B 123 -2.15 -23.61 -24.53
N THR B 124 -1.32 -22.66 -24.94
CA THR B 124 -0.29 -22.92 -25.93
C THR B 124 1.05 -23.26 -25.29
N GLY B 125 1.12 -23.34 -23.97
CA GLY B 125 2.32 -23.76 -23.30
C GLY B 125 3.40 -22.70 -23.18
N GLN B 126 3.09 -21.43 -23.47
CA GLN B 126 4.08 -20.37 -23.26
C GLN B 126 4.33 -20.13 -21.78
N VAL B 127 3.28 -20.24 -20.96
CA VAL B 127 3.41 -20.16 -19.51
C VAL B 127 2.68 -21.33 -18.89
N ARG B 128 3.08 -21.67 -17.66
CA ARG B 128 2.39 -22.72 -16.92
C ARG B 128 1.13 -22.20 -16.26
N ASN B 129 1.21 -21.03 -15.63
CA ASN B 129 0.07 -20.40 -14.96
C ASN B 129 0.19 -18.90 -15.15
N ALA B 130 -0.84 -18.17 -14.70
CA ALA B 130 -0.86 -16.74 -14.95
C ALA B 130 -1.77 -16.06 -13.95
N VAL B 131 -1.49 -14.78 -13.72
CA VAL B 131 -2.29 -13.92 -12.86
C VAL B 131 -2.76 -12.73 -13.69
N ALA B 132 -4.01 -12.30 -13.46
CA ALA B 132 -4.62 -11.21 -14.22
C ALA B 132 -5.10 -10.14 -13.24
N ILE B 133 -4.41 -9.01 -13.21
CA ILE B 133 -4.76 -7.89 -12.34
C ILE B 133 -5.61 -6.94 -13.20
N VAL B 134 -6.93 -7.13 -13.13
CA VAL B 134 -7.85 -6.43 -14.02
C VAL B 134 -9.00 -5.84 -13.22
N ARG B 135 -9.66 -4.85 -13.83
CA ARG B 135 -10.89 -4.27 -13.33
C ARG B 135 -11.61 -3.61 -14.50
N PRO B 136 -12.95 -3.44 -14.43
CA PRO B 136 -13.88 -3.84 -13.36
C PRO B 136 -14.06 -5.36 -13.26
N PRO B 137 -14.62 -5.86 -12.14
CA PRO B 137 -14.83 -7.31 -12.01
C PRO B 137 -15.86 -7.85 -12.98
N GLY B 138 -16.15 -9.15 -12.90
CA GLY B 138 -17.05 -9.76 -13.86
C GLY B 138 -18.07 -10.75 -13.33
N HIS B 139 -17.82 -11.33 -12.16
CA HIS B 139 -18.57 -12.52 -11.75
C HIS B 139 -20.03 -12.24 -11.43
N HIS B 140 -20.44 -10.99 -11.26
CA HIS B 140 -21.86 -10.69 -11.06
C HIS B 140 -22.60 -10.39 -12.36
N ALA B 141 -21.88 -10.17 -13.46
CA ALA B 141 -22.52 -9.83 -14.71
C ALA B 141 -23.27 -11.03 -15.28
N GLU B 142 -24.53 -10.81 -15.67
CA GLU B 142 -25.34 -11.84 -16.28
C GLU B 142 -25.21 -11.77 -17.80
N LYS B 143 -25.84 -12.73 -18.49
CA LYS B 143 -25.83 -12.73 -19.94
C LYS B 143 -26.45 -11.45 -20.50
N ASP B 144 -27.49 -10.94 -19.85
CA ASP B 144 -28.26 -9.84 -20.40
C ASP B 144 -28.27 -8.58 -19.53
N THR B 145 -27.54 -8.54 -18.41
CA THR B 145 -27.56 -7.35 -17.57
C THR B 145 -26.27 -7.23 -16.78
N ALA B 146 -25.96 -5.99 -16.39
CA ALA B 146 -24.84 -5.69 -15.51
C ALA B 146 -25.28 -5.75 -14.05
N CYS B 147 -24.33 -6.00 -13.16
CA CYS B 147 -24.62 -6.17 -11.75
C CYS B 147 -23.33 -6.16 -10.95
N GLY B 148 -23.41 -5.62 -9.73
CA GLY B 148 -22.34 -5.71 -8.75
C GLY B 148 -20.98 -5.25 -9.21
N PHE B 149 -20.91 -4.05 -9.80
CA PHE B 149 -19.70 -3.43 -10.34
C PHE B 149 -19.17 -4.16 -11.57
N CYS B 150 -19.91 -5.12 -12.11
CA CYS B 150 -19.46 -5.92 -13.24
C CYS B 150 -20.29 -5.62 -14.47
N PHE B 151 -19.62 -5.48 -15.61
CA PHE B 151 -20.28 -5.23 -16.89
C PHE B 151 -20.33 -6.48 -17.77
N PHE B 152 -19.21 -7.19 -17.91
CA PHE B 152 -19.15 -8.45 -18.62
C PHE B 152 -18.45 -9.47 -17.74
N ASN B 153 -18.90 -10.72 -17.82
CA ASN B 153 -18.37 -11.77 -16.95
C ASN B 153 -17.05 -12.25 -17.52
N THR B 154 -15.96 -11.67 -16.99
CA THR B 154 -14.63 -11.94 -17.52
C THR B 154 -14.24 -13.41 -17.38
N ALA B 155 -14.45 -13.98 -16.19
CA ALA B 155 -14.12 -15.39 -15.98
C ALA B 155 -14.95 -16.29 -16.88
N ALA B 156 -16.25 -15.99 -17.03
CA ALA B 156 -17.10 -16.82 -17.88
C ALA B 156 -16.69 -16.70 -19.34
N LEU B 157 -16.36 -15.48 -19.79
CA LEU B 157 -15.90 -15.29 -21.16
C LEU B 157 -14.59 -16.02 -21.40
N THR B 158 -13.69 -16.01 -20.40
CA THR B 158 -12.39 -16.66 -20.57
C THR B 158 -12.55 -18.17 -20.71
N ALA B 159 -13.51 -18.75 -19.99
CA ALA B 159 -13.78 -20.18 -20.12
C ALA B 159 -14.31 -20.51 -21.52
N ARG B 160 -15.24 -19.71 -22.01
CA ARG B 160 -15.76 -19.91 -23.37
C ARG B 160 -14.67 -19.64 -24.41
N TYR B 161 -13.83 -18.63 -24.19
CA TYR B 161 -12.74 -18.37 -25.11
C TYR B 161 -11.74 -19.52 -25.13
N ALA B 162 -11.45 -20.09 -23.96
CA ALA B 162 -10.55 -21.23 -23.89
C ALA B 162 -11.09 -22.40 -24.70
N GLN B 163 -12.40 -22.65 -24.60
CA GLN B 163 -13.01 -23.72 -25.38
C GLN B 163 -12.97 -23.41 -26.87
N SER B 164 -13.06 -22.13 -27.24
CA SER B 164 -13.10 -21.76 -28.65
C SER B 164 -11.76 -21.97 -29.35
N ILE B 165 -10.64 -21.96 -28.61
CA ILE B 165 -9.34 -22.18 -29.21
C ILE B 165 -8.81 -23.58 -28.93
N THR B 166 -9.62 -24.45 -28.33
CA THR B 166 -9.25 -25.85 -28.14
C THR B 166 -10.35 -26.74 -28.71
N ARG B 167 -11.28 -27.16 -27.84
CA ARG B 167 -12.48 -27.87 -28.27
C ARG B 167 -13.64 -27.44 -27.39
N GLU B 168 -14.86 -27.63 -27.90
CA GLU B 168 -16.05 -27.16 -27.20
C GLU B 168 -16.21 -27.82 -25.84
N SER B 169 -15.77 -29.07 -25.68
CA SER B 169 -15.97 -29.82 -24.46
C SER B 169 -14.79 -29.71 -23.49
N LEU B 170 -13.89 -28.74 -23.69
CA LEU B 170 -12.74 -28.59 -22.81
C LEU B 170 -13.22 -28.31 -21.39
N ARG B 171 -12.79 -29.15 -20.45
CA ARG B 171 -13.29 -29.10 -19.08
C ARG B 171 -12.59 -27.97 -18.33
N VAL B 172 -13.36 -26.95 -17.94
CA VAL B 172 -12.86 -25.79 -17.23
C VAL B 172 -13.51 -25.76 -15.86
N LEU B 173 -12.69 -25.63 -14.82
CA LEU B 173 -13.18 -25.43 -13.45
C LEU B 173 -13.03 -23.95 -13.10
N ILE B 174 -14.12 -23.34 -12.64
CA ILE B 174 -14.12 -21.97 -12.18
C ILE B 174 -14.32 -21.99 -10.66
N VAL B 175 -13.29 -21.59 -9.92
CA VAL B 175 -13.36 -21.46 -8.47
C VAL B 175 -13.54 -19.99 -8.13
N ASP B 176 -14.63 -19.67 -7.45
CA ASP B 176 -14.99 -18.30 -7.08
C ASP B 176 -14.91 -18.20 -5.56
N TRP B 177 -13.77 -17.71 -5.04
CA TRP B 177 -13.63 -17.52 -3.60
C TRP B 177 -13.84 -16.06 -3.20
N ASP B 178 -14.27 -15.21 -4.12
CA ASP B 178 -14.83 -13.92 -3.76
C ASP B 178 -15.93 -14.10 -2.73
N VAL B 179 -16.02 -13.17 -1.77
CA VAL B 179 -16.96 -13.34 -0.67
C VAL B 179 -18.41 -13.27 -1.14
N HIS B 180 -18.66 -12.72 -2.33
CA HIS B 180 -20.00 -12.63 -2.87
C HIS B 180 -20.22 -13.73 -3.90
N HIS B 181 -21.43 -14.28 -3.92
CA HIS B 181 -21.75 -15.35 -4.87
C HIS B 181 -21.69 -14.82 -6.30
N GLY B 182 -20.98 -15.54 -7.16
CA GLY B 182 -20.94 -15.20 -8.57
C GLY B 182 -22.23 -15.60 -9.27
N ASN B 183 -23.29 -14.81 -9.10
CA ASN B 183 -24.59 -15.15 -9.66
C ASN B 183 -24.55 -15.22 -11.18
N GLY B 184 -23.80 -14.30 -11.81
CA GLY B 184 -23.69 -14.32 -13.25
C GLY B 184 -22.97 -15.56 -13.76
N THR B 185 -21.92 -15.99 -13.08
CA THR B 185 -21.19 -17.17 -13.50
C THR B 185 -22.02 -18.43 -13.33
N GLN B 186 -22.79 -18.52 -12.23
CA GLN B 186 -23.66 -19.66 -12.02
C GLN B 186 -24.70 -19.76 -13.14
N HIS B 187 -25.38 -18.65 -13.43
CA HIS B 187 -26.47 -18.70 -14.40
C HIS B 187 -25.95 -19.01 -15.80
N ILE B 188 -24.77 -18.50 -16.16
CA ILE B 188 -24.26 -18.68 -17.52
C ILE B 188 -23.96 -20.15 -17.79
N PHE B 189 -23.45 -20.87 -16.78
CA PHE B 189 -23.05 -22.26 -16.93
C PHE B 189 -23.99 -23.23 -16.21
N GLU B 190 -25.18 -22.78 -15.84
CA GLU B 190 -26.08 -23.60 -15.03
C GLU B 190 -26.43 -24.91 -15.73
N GLU B 191 -26.58 -24.88 -17.06
CA GLU B 191 -26.94 -26.06 -17.83
C GLU B 191 -25.76 -26.67 -18.56
N ASP B 192 -24.54 -26.44 -18.05
CA ASP B 192 -23.31 -26.84 -18.73
C ASP B 192 -22.55 -27.84 -17.87
N ASP B 193 -22.16 -28.96 -18.49
CA ASP B 193 -21.35 -29.97 -17.83
C ASP B 193 -19.86 -29.85 -18.16
N SER B 194 -19.49 -28.93 -19.06
CA SER B 194 -18.09 -28.72 -19.41
C SER B 194 -17.42 -27.64 -18.56
N VAL B 195 -18.19 -26.87 -17.79
CA VAL B 195 -17.66 -25.80 -16.94
C VAL B 195 -18.20 -26.03 -15.53
N LEU B 196 -17.31 -26.47 -14.64
CA LEU B 196 -17.69 -26.75 -13.25
C LEU B 196 -17.52 -25.48 -12.43
N TYR B 197 -18.60 -25.02 -11.82
CA TYR B 197 -18.58 -23.80 -11.02
C TYR B 197 -18.64 -24.15 -9.54
N ILE B 198 -17.61 -23.76 -8.79
CA ILE B 198 -17.55 -23.94 -7.35
C ILE B 198 -17.40 -22.57 -6.72
N SER B 199 -18.34 -22.22 -5.84
CA SER B 199 -18.36 -20.91 -5.22
C SER B 199 -18.44 -21.04 -3.71
N LEU B 200 -17.58 -20.30 -3.02
CA LEU B 200 -17.67 -20.10 -1.57
C LEU B 200 -18.06 -18.65 -1.36
N HIS B 201 -19.05 -18.41 -0.51
CA HIS B 201 -19.60 -17.07 -0.39
C HIS B 201 -20.37 -16.94 0.91
N ARG B 202 -20.35 -15.73 1.46
CA ARG B 202 -21.23 -15.38 2.57
C ARG B 202 -22.67 -15.37 2.08
N TYR B 203 -23.54 -16.07 2.79
CA TYR B 203 -24.93 -16.25 2.38
C TYR B 203 -25.91 -15.55 3.32
N GLU B 204 -25.86 -15.88 4.61
CA GLU B 204 -26.76 -15.31 5.63
C GLU B 204 -28.22 -15.51 5.23
N ASP B 205 -28.54 -16.74 4.81
CA ASP B 205 -29.89 -17.14 4.42
C ASP B 205 -30.44 -16.27 3.30
N GLY B 206 -29.57 -15.73 2.47
CA GLY B 206 -29.97 -14.92 1.34
C GLY B 206 -30.02 -13.43 1.60
N ALA B 207 -29.62 -12.98 2.79
CA ALA B 207 -29.64 -11.55 3.13
C ALA B 207 -28.37 -10.82 2.70
N PHE B 208 -27.31 -11.55 2.38
CA PHE B 208 -26.06 -10.94 1.94
C PHE B 208 -26.07 -10.79 0.42
N PHE B 209 -25.43 -9.73 -0.06
CA PHE B 209 -25.36 -9.46 -1.49
C PHE B 209 -24.80 -10.67 -2.22
N PRO B 210 -25.35 -11.05 -3.39
CA PRO B 210 -26.40 -10.36 -4.17
C PRO B 210 -27.84 -10.71 -3.80
N ASN B 211 -28.08 -11.19 -2.58
CA ASN B 211 -29.43 -11.25 -1.98
C ASN B 211 -30.35 -12.22 -2.72
N SER B 212 -29.82 -13.34 -3.18
CA SER B 212 -30.63 -14.33 -3.88
C SER B 212 -30.41 -15.70 -3.26
N GLU B 213 -31.48 -16.50 -3.26
CA GLU B 213 -31.39 -17.87 -2.80
C GLU B 213 -30.77 -18.82 -3.83
N ASP B 214 -30.40 -18.30 -5.01
CA ASP B 214 -29.64 -19.10 -5.97
C ASP B 214 -28.27 -19.49 -5.42
N ALA B 215 -27.79 -18.78 -4.40
CA ALA B 215 -26.48 -19.05 -3.82
C ALA B 215 -26.52 -20.17 -2.80
N ASN B 216 -27.66 -20.80 -2.56
CA ASN B 216 -27.74 -21.84 -1.54
C ASN B 216 -27.20 -23.17 -2.09
N TYR B 217 -26.93 -24.09 -1.16
CA TYR B 217 -26.27 -25.35 -1.51
C TYR B 217 -27.14 -26.26 -2.37
N ASP B 218 -28.47 -26.09 -2.34
CA ASP B 218 -29.35 -26.97 -3.08
C ASP B 218 -29.39 -26.68 -4.57
N LYS B 219 -28.82 -25.56 -5.02
CA LYS B 219 -28.74 -25.25 -6.44
C LYS B 219 -27.53 -25.98 -7.01
N VAL B 220 -27.77 -27.11 -7.66
CA VAL B 220 -26.71 -27.99 -8.15
C VAL B 220 -26.55 -27.94 -9.66
N GLY B 221 -27.29 -27.08 -10.34
CA GLY B 221 -27.33 -27.08 -11.80
C GLY B 221 -28.62 -27.69 -12.33
N LEU B 222 -28.86 -27.43 -13.61
CA LEU B 222 -30.09 -27.85 -14.27
C LEU B 222 -29.76 -28.57 -15.58
N GLY B 223 -30.62 -29.52 -15.94
CA GLY B 223 -30.46 -30.23 -17.20
C GLY B 223 -29.16 -31.01 -17.26
N LYS B 224 -28.41 -30.81 -18.34
CA LYS B 224 -27.12 -31.48 -18.49
C LYS B 224 -26.10 -31.01 -17.46
N GLY B 225 -26.29 -29.83 -16.89
CA GLY B 225 -25.37 -29.29 -15.91
C GLY B 225 -25.63 -29.70 -14.48
N ARG B 226 -26.56 -30.63 -14.26
CA ARG B 226 -26.89 -31.06 -12.91
C ARG B 226 -25.70 -31.72 -12.24
N GLY B 227 -25.27 -31.15 -11.11
CA GLY B 227 -24.11 -31.63 -10.39
C GLY B 227 -22.84 -30.86 -10.65
N TYR B 228 -22.84 -29.97 -11.64
CA TYR B 228 -21.66 -29.20 -12.01
C TYR B 228 -21.73 -27.77 -11.52
N ASN B 229 -22.53 -27.50 -10.49
CA ASN B 229 -22.61 -26.20 -9.85
C ASN B 229 -22.59 -26.42 -8.35
N VAL B 230 -21.50 -26.02 -7.70
CA VAL B 230 -21.28 -26.28 -6.28
C VAL B 230 -21.31 -24.95 -5.53
N ASN B 231 -22.35 -24.75 -4.72
CA ASN B 231 -22.44 -23.58 -3.86
C ASN B 231 -22.09 -23.98 -2.44
N ILE B 232 -21.18 -23.24 -1.83
CA ILE B 232 -20.79 -23.44 -0.43
C ILE B 232 -21.12 -22.19 0.35
N PRO B 233 -22.30 -22.11 0.97
CA PRO B 233 -22.73 -20.87 1.62
C PRO B 233 -22.40 -20.82 3.10
N TRP B 234 -21.89 -19.66 3.55
CA TRP B 234 -21.58 -19.41 4.94
C TRP B 234 -22.70 -18.62 5.60
N ASN B 235 -23.06 -18.99 6.83
CA ASN B 235 -24.18 -18.31 7.47
C ASN B 235 -23.90 -17.85 8.90
N GLY B 236 -23.08 -18.57 9.65
CA GLY B 236 -22.90 -18.22 11.05
C GLY B 236 -21.59 -17.64 11.50
N GLY B 237 -21.26 -16.42 11.08
CA GLY B 237 -20.21 -15.66 11.73
C GLY B 237 -19.03 -15.41 10.81
N LYS B 238 -18.07 -14.65 11.35
CA LYS B 238 -16.87 -14.30 10.59
C LYS B 238 -16.05 -15.54 10.27
N MET B 239 -16.03 -15.94 9.01
CA MET B 239 -15.25 -17.11 8.61
C MET B 239 -13.85 -16.68 8.21
N GLY B 240 -12.91 -17.60 8.35
CA GLY B 240 -11.52 -17.32 8.05
C GLY B 240 -10.82 -18.51 7.46
N ASP B 241 -9.50 -18.58 7.66
CA ASP B 241 -8.69 -19.66 7.12
C ASP B 241 -9.18 -21.05 7.50
N PRO B 242 -9.48 -21.37 8.76
CA PRO B 242 -9.85 -22.76 9.08
C PRO B 242 -11.10 -23.23 8.35
N GLU B 243 -12.04 -22.32 8.07
CA GLU B 243 -13.24 -22.72 7.36
C GLU B 243 -12.94 -22.95 5.88
N TYR B 244 -12.12 -22.10 5.27
CA TYR B 244 -11.82 -22.26 3.85
C TYR B 244 -10.91 -23.45 3.61
N MET B 245 -10.01 -23.77 4.55
CA MET B 245 -9.24 -25.00 4.43
C MET B 245 -10.13 -26.22 4.52
N ALA B 246 -11.11 -26.20 5.42
CA ALA B 246 -11.99 -27.36 5.60
C ALA B 246 -12.88 -27.55 4.38
N ALA B 247 -13.44 -26.47 3.83
CA ALA B 247 -14.25 -26.58 2.63
C ALA B 247 -13.43 -27.09 1.45
N PHE B 248 -12.17 -26.66 1.35
CA PHE B 248 -11.32 -27.15 0.27
C PHE B 248 -10.98 -28.61 0.45
N HIS B 249 -10.70 -29.03 1.69
CA HIS B 249 -10.35 -30.43 1.94
C HIS B 249 -11.55 -31.34 1.73
N HIS B 250 -12.73 -30.93 2.17
CA HIS B 250 -13.90 -31.80 2.15
C HIS B 250 -14.71 -31.71 0.86
N LEU B 251 -14.69 -30.57 0.18
CA LEU B 251 -15.57 -30.35 -0.97
C LEU B 251 -14.81 -29.95 -2.22
N VAL B 252 -14.07 -28.84 -2.20
CA VAL B 252 -13.52 -28.27 -3.43
C VAL B 252 -12.55 -29.25 -4.09
N MET B 253 -11.55 -29.71 -3.34
CA MET B 253 -10.49 -30.53 -3.91
C MET B 253 -10.99 -31.91 -4.33
N PRO B 254 -11.80 -32.61 -3.54
CA PRO B 254 -12.34 -33.90 -4.03
C PRO B 254 -13.16 -33.76 -5.30
N ILE B 255 -14.06 -32.77 -5.36
CA ILE B 255 -14.88 -32.59 -6.55
C ILE B 255 -14.02 -32.18 -7.75
N ALA B 256 -13.05 -31.30 -7.53
CA ALA B 256 -12.18 -30.86 -8.63
C ALA B 256 -11.37 -32.02 -9.19
N ARG B 257 -10.88 -32.91 -8.31
CA ARG B 257 -10.07 -34.03 -8.80
C ARG B 257 -10.90 -35.00 -9.63
N GLU B 258 -12.14 -35.28 -9.20
CA GLU B 258 -12.99 -36.16 -9.99
C GLU B 258 -13.35 -35.53 -11.32
N PHE B 259 -13.60 -34.22 -11.33
CA PHE B 259 -13.90 -33.52 -12.58
C PHE B 259 -12.71 -33.56 -13.53
N ALA B 260 -11.49 -33.59 -13.00
CA ALA B 260 -10.24 -33.60 -13.76
C ALA B 260 -10.25 -32.48 -14.81
N PRO B 261 -10.21 -31.23 -14.39
CA PRO B 261 -10.27 -30.13 -15.37
C PRO B 261 -8.99 -30.03 -16.16
N GLU B 262 -9.11 -29.52 -17.38
CA GLU B 262 -7.96 -29.20 -18.22
C GLU B 262 -7.52 -27.75 -18.07
N LEU B 263 -8.32 -26.91 -17.43
CA LEU B 263 -7.98 -25.53 -17.17
C LEU B 263 -8.72 -25.08 -15.92
N VAL B 264 -8.04 -24.32 -15.06
CA VAL B 264 -8.60 -23.84 -13.80
C VAL B 264 -8.62 -22.33 -13.83
N LEU B 265 -9.81 -21.75 -13.71
CA LEU B 265 -9.98 -20.30 -13.61
C LEU B 265 -10.37 -19.97 -12.18
N VAL B 266 -9.65 -19.04 -11.57
CA VAL B 266 -9.93 -18.62 -10.21
C VAL B 266 -10.49 -17.21 -10.27
N SER B 267 -11.79 -17.09 -10.01
CA SER B 267 -12.40 -15.79 -9.76
C SER B 267 -11.91 -15.31 -8.40
N ALA B 268 -10.74 -14.67 -8.38
CA ALA B 268 -10.04 -14.37 -7.14
C ALA B 268 -10.44 -13.00 -6.64
N GLY B 269 -11.62 -12.94 -6.02
CA GLY B 269 -11.98 -11.78 -5.23
C GLY B 269 -11.34 -11.90 -3.85
N PHE B 270 -10.94 -10.76 -3.31
CA PHE B 270 -10.28 -10.72 -2.01
C PHE B 270 -11.06 -9.88 -1.01
N ASP B 271 -12.38 -9.89 -1.11
CA ASP B 271 -13.22 -9.22 -0.13
C ASP B 271 -13.63 -10.11 1.02
N ALA B 272 -13.20 -11.37 1.03
CA ALA B 272 -13.26 -12.21 2.21
C ALA B 272 -12.01 -12.08 3.07
N ALA B 273 -11.11 -11.16 2.70
CA ALA B 273 -9.84 -11.00 3.39
C ALA B 273 -10.01 -10.21 4.68
N ARG B 274 -9.14 -10.50 5.65
CA ARG B 274 -9.08 -9.72 6.87
C ARG B 274 -8.87 -8.24 6.56
N GLY B 275 -9.73 -7.39 7.12
CA GLY B 275 -9.63 -5.97 6.92
C GLY B 275 -10.46 -5.41 5.79
N ASP B 276 -11.19 -6.24 5.05
CA ASP B 276 -12.02 -5.74 3.97
C ASP B 276 -13.23 -5.01 4.53
N PRO B 277 -13.59 -3.84 3.99
CA PRO B 277 -14.70 -3.07 4.55
C PRO B 277 -16.08 -3.59 4.18
N LEU B 278 -16.19 -4.59 3.31
CA LEU B 278 -17.49 -5.05 2.83
C LEU B 278 -17.79 -6.50 3.14
N GLY B 279 -16.78 -7.34 3.31
CA GLY B 279 -17.02 -8.77 3.46
C GLY B 279 -17.29 -9.23 4.88
N GLY B 280 -16.56 -8.65 5.84
CA GLY B 280 -16.73 -9.06 7.22
C GLY B 280 -16.12 -10.39 7.57
N PHE B 281 -15.21 -10.90 6.73
CA PHE B 281 -14.51 -12.15 6.98
C PHE B 281 -13.06 -11.83 7.36
N GLN B 282 -12.26 -12.88 7.59
CA GLN B 282 -10.91 -12.70 8.08
C GLN B 282 -9.95 -13.72 7.48
N VAL B 283 -10.07 -13.98 6.17
CA VAL B 283 -9.11 -14.83 5.49
C VAL B 283 -7.80 -14.08 5.33
N THR B 284 -6.70 -14.71 5.74
CA THR B 284 -5.38 -14.08 5.76
C THR B 284 -4.68 -14.29 4.42
N PRO B 285 -3.66 -13.48 4.12
CA PRO B 285 -2.88 -13.72 2.90
C PRO B 285 -2.28 -15.11 2.83
N GLU B 286 -1.88 -15.67 3.97
CA GLU B 286 -1.39 -17.05 3.99
C GLU B 286 -2.48 -18.03 3.60
N GLY B 287 -3.72 -17.76 4.03
CA GLY B 287 -4.83 -18.61 3.63
C GLY B 287 -5.03 -18.63 2.13
N TYR B 288 -5.01 -17.46 1.50
CA TYR B 288 -5.14 -17.40 0.05
C TYR B 288 -3.98 -18.11 -0.64
N ALA B 289 -2.78 -18.05 -0.04
CA ALA B 289 -1.64 -18.76 -0.60
C ALA B 289 -1.85 -20.27 -0.56
N HIS B 290 -2.36 -20.78 0.56
CA HIS B 290 -2.60 -22.22 0.67
C HIS B 290 -3.68 -22.66 -0.32
N LEU B 291 -4.73 -21.85 -0.49
CA LEU B 291 -5.76 -22.18 -1.46
C LEU B 291 -5.21 -22.20 -2.88
N THR B 292 -4.39 -21.21 -3.22
CA THR B 292 -3.74 -21.21 -4.54
C THR B 292 -2.87 -22.44 -4.73
N HIS B 293 -2.11 -22.81 -3.69
CA HIS B 293 -1.23 -23.96 -3.80
C HIS B 293 -2.01 -25.24 -4.05
N GLN B 294 -3.18 -25.38 -3.42
CA GLN B 294 -3.97 -26.60 -3.62
C GLN B 294 -4.51 -26.68 -5.04
N LEU B 295 -4.99 -25.55 -5.58
CA LEU B 295 -5.51 -25.55 -6.95
C LEU B 295 -4.41 -25.85 -7.96
N MET B 296 -3.15 -25.56 -7.62
CA MET B 296 -2.05 -25.82 -8.54
C MET B 296 -1.84 -27.31 -8.78
N SER B 297 -2.39 -28.18 -7.94
CA SER B 297 -2.30 -29.62 -8.13
C SER B 297 -3.30 -30.13 -9.17
N LEU B 298 -4.01 -29.24 -9.85
CA LEU B 298 -5.01 -29.62 -10.84
C LEU B 298 -4.58 -29.16 -12.23
N ALA B 299 -5.14 -29.82 -13.24
CA ALA B 299 -4.97 -29.43 -14.64
C ALA B 299 -3.50 -29.28 -15.01
N ALA B 300 -2.64 -30.11 -14.40
CA ALA B 300 -1.20 -30.06 -14.64
C ALA B 300 -0.65 -28.64 -14.41
N GLY B 301 -1.21 -27.95 -13.42
CA GLY B 301 -0.77 -26.63 -13.04
C GLY B 301 -1.27 -25.50 -13.90
N ARG B 302 -2.21 -25.75 -14.81
CA ARG B 302 -2.73 -24.71 -15.70
C ARG B 302 -3.80 -23.92 -14.95
N VAL B 303 -3.36 -22.87 -14.25
CA VAL B 303 -4.21 -22.08 -13.36
C VAL B 303 -4.11 -20.62 -13.74
N LEU B 304 -5.27 -19.98 -13.95
CA LEU B 304 -5.34 -18.56 -14.22
C LEU B 304 -6.07 -17.88 -13.08
N ILE B 305 -5.36 -16.98 -12.38
CA ILE B 305 -5.93 -16.21 -11.28
C ILE B 305 -6.45 -14.89 -11.84
N ILE B 306 -7.74 -14.64 -11.68
CA ILE B 306 -8.39 -13.45 -12.21
C ILE B 306 -8.90 -12.62 -11.03
N LEU B 307 -8.50 -11.35 -10.98
CA LEU B 307 -8.95 -10.46 -9.92
C LEU B 307 -10.44 -10.20 -10.05
N GLU B 308 -11.16 -10.29 -8.94
CA GLU B 308 -12.57 -9.94 -8.91
C GLU B 308 -12.79 -8.80 -7.93
N GLY B 309 -13.46 -9.06 -6.81
CA GLY B 309 -13.68 -8.07 -5.78
C GLY B 309 -12.49 -7.92 -4.85
N GLY B 310 -12.73 -7.25 -3.73
CA GLY B 310 -11.68 -6.93 -2.79
C GLY B 310 -11.43 -5.44 -2.73
N TYR B 311 -11.64 -4.82 -1.56
CA TYR B 311 -11.74 -3.37 -1.48
C TYR B 311 -10.93 -2.76 -0.34
N ASN B 312 -10.10 -3.54 0.35
CA ASN B 312 -9.05 -3.00 1.21
C ASN B 312 -7.76 -3.05 0.40
N LEU B 313 -7.21 -1.88 0.08
CA LEU B 313 -6.08 -1.81 -0.84
C LEU B 313 -4.87 -2.57 -0.32
N THR B 314 -4.61 -2.48 0.99
CA THR B 314 -3.48 -3.22 1.55
C THR B 314 -3.76 -4.72 1.62
N SER B 315 -5.01 -5.09 1.95
CA SER B 315 -5.34 -6.50 2.06
C SER B 315 -5.31 -7.21 0.72
N ILE B 316 -5.83 -6.57 -0.33
CA ILE B 316 -5.88 -7.23 -1.63
C ILE B 316 -4.49 -7.26 -2.27
N SER B 317 -3.65 -6.28 -1.96
CA SER B 317 -2.29 -6.26 -2.48
C SER B 317 -1.47 -7.39 -1.86
N GLU B 318 -1.56 -7.55 -0.54
CA GLU B 318 -0.85 -8.62 0.13
C GLU B 318 -1.39 -9.99 -0.30
N SER B 319 -2.70 -10.10 -0.46
CA SER B 319 -3.31 -11.40 -0.69
C SER B 319 -3.04 -11.91 -2.10
N MET B 320 -3.17 -11.05 -3.12
CA MET B 320 -2.92 -11.50 -4.48
C MET B 320 -1.43 -11.69 -4.74
N SER B 321 -0.59 -10.84 -4.14
CA SER B 321 0.85 -11.02 -4.26
C SER B 321 1.28 -12.38 -3.73
N MET B 322 0.64 -12.85 -2.66
CA MET B 322 0.95 -14.15 -2.12
C MET B 322 0.52 -15.27 -3.06
N CYS B 323 -0.60 -15.07 -3.77
CA CYS B 323 -1.01 -16.06 -4.76
C CYS B 323 -0.02 -16.16 -5.90
N THR B 324 0.42 -15.01 -6.43
CA THR B 324 1.43 -15.03 -7.47
C THR B 324 2.72 -15.67 -6.95
N SER B 325 3.05 -15.43 -5.69
CA SER B 325 4.21 -16.08 -5.09
C SER B 325 4.05 -17.60 -5.11
N MET B 326 2.82 -18.09 -4.93
CA MET B 326 2.57 -19.53 -5.01
C MET B 326 2.74 -20.04 -6.44
N LEU B 327 2.16 -19.31 -7.40
CA LEU B 327 2.27 -19.72 -8.80
C LEU B 327 3.72 -19.77 -9.28
N LEU B 328 4.58 -18.93 -8.71
CA LEU B 328 5.98 -18.91 -9.10
C LEU B 328 6.77 -20.07 -8.50
N GLY B 329 6.17 -20.86 -7.62
CA GLY B 329 6.78 -22.06 -7.09
C GLY B 329 7.26 -21.97 -5.66
N ASP B 330 7.06 -20.84 -4.98
CA ASP B 330 7.52 -20.70 -3.60
C ASP B 330 6.71 -21.59 -2.67
N SER B 331 7.33 -21.95 -1.56
CA SER B 331 6.68 -22.84 -0.59
C SER B 331 5.59 -22.08 0.17
N PRO B 332 4.49 -22.75 0.50
CA PRO B 332 3.40 -22.09 1.22
C PRO B 332 3.86 -21.65 2.60
N PRO B 333 3.60 -20.40 2.98
CA PRO B 333 3.90 -19.95 4.33
C PRO B 333 2.97 -20.62 5.34
N SER B 334 3.46 -20.73 6.57
CA SER B 334 2.70 -21.41 7.60
C SER B 334 1.52 -20.56 8.05
N LEU B 335 0.41 -21.22 8.34
CA LEU B 335 -0.80 -20.53 8.79
C LEU B 335 -0.75 -20.25 10.28
N ASP B 336 -1.64 -19.37 10.73
CA ASP B 336 -1.74 -18.99 12.14
C ASP B 336 -2.26 -20.13 13.00
N PRO B 340 -10.38 -23.15 15.34
CA PRO B 340 -11.42 -24.18 15.40
C PRO B 340 -12.58 -23.88 14.46
N LEU B 341 -13.07 -24.90 13.76
CA LEU B 341 -14.19 -24.71 12.84
C LEU B 341 -15.42 -24.20 13.56
N LYS B 342 -15.99 -23.12 13.04
CA LYS B 342 -17.27 -22.62 13.54
C LYS B 342 -18.35 -23.68 13.31
N THR B 343 -19.28 -23.78 14.27
CA THR B 343 -20.31 -24.82 14.22
C THR B 343 -21.09 -24.74 12.91
N SER B 344 -21.53 -23.53 12.53
CA SER B 344 -22.34 -23.37 11.33
C SER B 344 -21.55 -23.73 10.07
N ALA B 345 -20.23 -23.53 10.08
CA ALA B 345 -19.43 -23.89 8.92
C ALA B 345 -19.45 -25.38 8.67
N THR B 346 -19.35 -26.18 9.74
CA THR B 346 -19.49 -27.62 9.60
C THR B 346 -20.86 -27.97 9.05
N VAL B 347 -21.90 -27.29 9.53
CA VAL B 347 -23.25 -27.51 9.03
C VAL B 347 -23.32 -27.21 7.53
N SER B 348 -22.71 -26.10 7.11
CA SER B 348 -22.72 -25.75 5.70
C SER B 348 -22.02 -26.79 4.86
N ILE B 349 -20.82 -27.21 5.28
CA ILE B 349 -20.07 -28.21 4.51
C ILE B 349 -20.86 -29.51 4.42
N ASN B 350 -21.56 -29.87 5.50
CA ASN B 350 -22.36 -31.09 5.49
C ASN B 350 -23.56 -30.97 4.57
N ASN B 351 -24.16 -29.77 4.47
CA ASN B 351 -25.29 -29.58 3.55
C ASN B 351 -24.84 -29.72 2.10
N VAL B 352 -23.70 -29.11 1.75
CA VAL B 352 -23.18 -29.25 0.39
C VAL B 352 -22.81 -30.69 0.10
N LEU B 353 -22.23 -31.38 1.09
CA LEU B 353 -21.83 -32.78 0.92
C LEU B 353 -23.03 -33.65 0.58
N ARG B 354 -24.16 -33.44 1.27
CA ARG B 354 -25.34 -34.27 1.00
C ARG B 354 -25.95 -33.93 -0.35
N ALA B 355 -25.93 -32.65 -0.73
CA ALA B 355 -26.52 -32.24 -2.00
C ALA B 355 -25.73 -32.76 -3.19
N HIS B 356 -24.41 -32.94 -3.04
CA HIS B 356 -23.55 -33.29 -4.16
C HIS B 356 -23.00 -34.71 -4.11
N ALA B 357 -23.19 -35.43 -3.01
CA ALA B 357 -22.84 -36.85 -2.98
C ALA B 357 -23.48 -37.67 -4.09
N PRO B 358 -24.73 -37.43 -4.51
CA PRO B 358 -25.26 -38.18 -5.67
C PRO B 358 -24.43 -38.06 -6.93
N PHE B 359 -23.70 -36.96 -7.13
CA PHE B 359 -23.02 -36.71 -8.39
C PHE B 359 -21.52 -36.97 -8.35
N TRP B 360 -20.93 -37.03 -7.16
CA TRP B 360 -19.47 -37.17 -7.01
C TRP B 360 -19.19 -38.30 -6.04
N SER B 361 -18.75 -39.45 -6.57
CA SER B 361 -18.48 -40.61 -5.74
C SER B 361 -17.32 -40.38 -4.77
N SER B 362 -16.45 -39.40 -5.05
CA SER B 362 -15.37 -39.09 -4.14
C SER B 362 -15.83 -38.44 -2.84
N LEU B 363 -17.10 -38.05 -2.75
CA LEU B 363 -17.65 -37.48 -1.53
C LEU B 363 -18.24 -38.57 -0.64
#